data_2BMK
#
_entry.id   2BMK
#
_cell.length_a   63.152
_cell.length_b   81.152
_cell.length_c   79.331
_cell.angle_alpha   90.00
_cell.angle_beta   90.35
_cell.angle_gamma   90.00
#
_symmetry.space_group_name_H-M   'P 1 21 1'
#
loop_
_entity.id
_entity.type
_entity.pdbx_description
1 polymer 'FAB FRAGMENT OF CATALYTIC ANTIBODY 15A9, LIGHT CHAIN'
2 polymer 'FAB FRAGMENT OF CATALYTIC ANTIBODY 15A9, HEAVY CHAIN'
3 non-polymer 'IODIDE ION'
4 non-polymer "N-(5'-PHOSPHOPYRIDOXYL)-D-ALANINE"
5 water water
#
loop_
_entity_poly.entity_id
_entity_poly.type
_entity_poly.pdbx_seq_one_letter_code
_entity_poly.pdbx_strand_id
1 'polypeptide(L)'
;DIELTQSPAIMAASPGEKVTITCSATSGVNYMHWFQQKPGTSPKLWIYSTSNLASAVPARFSGSGSGTSYSLTISRMEAE
DAATYYCQQRSTYPFTFGGGTKLELKRADAAPTVSIFPPSSEQLTSGGASVVCFLNNFYPKDINVKWKIDGSERQNGVLN
SWTDQDSKDSTYSMSSTLTLTKDEYERHNSYTCEATHKTSTSPIVKSFNRNEC
;
A,L
2 'polypeptide(L)'
;EVKLQESGGGLVQPGHSLRLSCATSGFTFTDYYMSWVRQPPGKALEWLGLIRNKANGYTKEYSASVKGRFTISRDNSQSI
LYLQMNALRAEDSATYYCVRDKGSYGNYEAWFAYWGQGTTVTVSSAKTTPPSVYPLAPGSAAQTNSMVTLGCLVKGYFPE
PVTVTWNSGSLSSGVHTFPAVLQSDLYTLSSSVTVPSSPRPSETVTCNVAHPASSTKVDKKIVPRD
;
B,H
#
loop_
_chem_comp.id
_chem_comp.type
_chem_comp.name
_chem_comp.formula
IOD non-polymer 'IODIDE ION' 'I -1'
#
# COMPACT_ATOMS: atom_id res chain seq x y z
N ASP A 1 -11.21 32.25 -6.10
CA ASP A 1 -10.33 31.60 -7.12
C ASP A 1 -9.27 32.59 -7.62
N ILE A 2 -8.74 33.40 -6.71
CA ILE A 2 -7.75 34.40 -7.03
C ILE A 2 -6.38 33.80 -7.33
N GLU A 3 -5.84 34.10 -8.52
CA GLU A 3 -4.52 33.61 -8.86
C GLU A 3 -3.48 34.71 -8.64
N LEU A 4 -2.34 34.35 -8.07
CA LEU A 4 -1.29 35.32 -7.80
C LEU A 4 -0.04 35.03 -8.61
N THR A 5 0.34 36.00 -9.43
CA THR A 5 1.53 35.86 -10.26
C THR A 5 2.67 36.70 -9.68
N GLN A 6 3.83 36.08 -9.49
CA GLN A 6 4.98 36.78 -8.96
C GLN A 6 5.99 36.98 -10.07
N SER A 7 6.73 38.08 -9.98
CA SER A 7 7.76 38.35 -10.96
C SER A 7 8.86 39.10 -10.21
N PRO A 8 10.13 38.78 -10.51
CA PRO A 8 10.50 37.75 -11.49
C PRO A 8 10.32 36.35 -10.90
N ALA A 9 10.47 35.33 -11.74
CA ALA A 9 10.35 33.95 -11.29
C ALA A 9 11.69 33.46 -10.77
N ILE A 10 12.76 34.05 -11.28
CA ILE A 10 14.11 33.69 -10.88
C ILE A 10 14.99 34.95 -10.89
N MET A 11 15.88 35.08 -9.91
CA MET A 11 16.76 36.24 -9.88
C MET A 11 18.00 36.07 -9.02
N ALA A 12 19.02 36.84 -9.35
CA ALA A 12 20.28 36.82 -8.63
C ALA A 12 20.51 38.24 -8.16
N ALA A 13 20.85 38.40 -6.89
CA ALA A 13 21.08 39.71 -6.34
C ALA A 13 22.51 39.82 -5.82
N SER A 14 23.15 40.94 -6.09
CA SER A 14 24.50 41.21 -5.61
C SER A 14 24.36 41.62 -4.16
N PRO A 15 25.41 41.41 -3.36
CA PRO A 15 25.37 41.78 -1.94
C PRO A 15 25.13 43.28 -1.78
N GLY A 16 24.12 43.64 -0.99
CA GLY A 16 23.83 45.04 -0.77
C GLY A 16 22.79 45.59 -1.73
N GLU A 17 22.69 44.96 -2.89
CA GLU A 17 21.74 45.38 -3.92
C GLU A 17 20.31 45.43 -3.35
N LYS A 18 19.47 46.32 -3.89
CA LYS A 18 18.08 46.41 -3.44
C LYS A 18 17.28 45.38 -4.25
N VAL A 19 16.33 44.72 -3.61
CA VAL A 19 15.53 43.71 -4.28
C VAL A 19 14.04 43.97 -4.11
N THR A 20 13.29 43.79 -5.19
CA THR A 20 11.85 43.97 -5.14
C THR A 20 11.14 42.80 -5.79
N ILE A 21 10.20 42.22 -5.07
CA ILE A 21 9.44 41.08 -5.59
C ILE A 21 7.98 41.55 -5.68
N THR A 22 7.38 41.40 -6.85
CA THR A 22 6.00 41.82 -7.02
C THR A 22 5.07 40.62 -7.12
N CYS A 23 3.85 40.80 -6.61
CA CYS A 23 2.82 39.77 -6.61
C CYS A 23 1.56 40.47 -7.12
N SER A 24 0.99 39.96 -8.20
CA SER A 24 -0.22 40.56 -8.76
C SER A 24 -1.39 39.59 -8.76
N ALA A 25 -2.56 40.08 -8.36
CA ALA A 25 -3.76 39.25 -8.27
C ALA A 25 -4.79 39.43 -9.38
N THR A 26 -5.63 38.41 -9.57
CA THR A 26 -6.68 38.44 -10.57
C THR A 26 -7.90 39.14 -9.98
N SER A 27 -7.78 39.50 -8.70
CA SER A 27 -8.85 40.18 -8.00
C SER A 27 -8.28 40.86 -6.75
N GLY A 28 -8.98 41.87 -6.25
CA GLY A 28 -8.50 42.60 -5.10
C GLY A 28 -8.42 41.82 -3.79
N VAL A 29 -7.37 42.07 -3.03
CA VAL A 29 -7.20 41.43 -1.75
C VAL A 29 -6.95 42.53 -0.71
N ASN A 30 -7.44 42.30 0.50
CA ASN A 30 -7.29 43.26 1.58
C ASN A 30 -5.88 43.29 2.19
N TYR A 31 -5.15 42.19 2.01
CA TYR A 31 -3.79 42.08 2.54
C TYR A 31 -3.02 41.05 1.74
N MET A 32 -1.71 41.04 1.91
CA MET A 32 -0.87 40.06 1.24
C MET A 32 0.14 39.52 2.25
N HIS A 33 0.39 38.23 2.19
CA HIS A 33 1.33 37.59 3.11
C HIS A 33 2.48 37.01 2.32
N TRP A 34 3.66 36.94 2.94
CA TRP A 34 4.83 36.41 2.26
C TRP A 34 5.56 35.33 3.04
N PHE A 35 6.04 34.33 2.33
CA PHE A 35 6.75 33.24 2.95
C PHE A 35 8.11 33.02 2.30
N GLN A 36 9.11 32.73 3.12
CA GLN A 36 10.47 32.47 2.66
C GLN A 36 10.77 30.99 2.87
N GLN A 37 11.12 30.29 1.81
CA GLN A 37 11.44 28.88 1.88
C GLN A 37 12.83 28.62 1.37
N LYS A 38 13.68 28.09 2.24
CA LYS A 38 15.05 27.74 1.89
C LYS A 38 15.11 26.26 1.55
N PRO A 39 16.02 25.83 0.68
CA PRO A 39 16.19 24.44 0.25
C PRO A 39 16.19 23.39 1.37
N GLY A 40 15.36 22.36 1.21
CA GLY A 40 15.27 21.30 2.18
C GLY A 40 14.58 21.64 3.50
N THR A 41 13.86 22.77 3.53
CA THR A 41 13.17 23.18 4.75
C THR A 41 11.70 23.53 4.48
N SER A 42 10.95 23.71 5.55
CA SER A 42 9.54 24.08 5.43
C SER A 42 9.47 25.59 5.25
N PRO A 43 8.35 26.09 4.69
CA PRO A 43 8.25 27.52 4.51
C PRO A 43 8.21 28.20 5.87
N LYS A 44 8.61 29.46 5.91
CA LYS A 44 8.60 30.21 7.13
C LYS A 44 7.82 31.50 6.85
N LEU A 45 7.00 31.93 7.80
CA LEU A 45 6.24 33.17 7.64
C LEU A 45 7.27 34.29 7.69
N TRP A 46 7.18 35.24 6.76
CA TRP A 46 8.14 36.34 6.70
C TRP A 46 7.48 37.70 6.91
N ILE A 47 6.43 37.95 6.14
CA ILE A 47 5.69 39.19 6.26
C ILE A 47 4.22 38.81 6.32
N TYR A 48 3.47 39.44 7.21
CA TYR A 48 2.04 39.14 7.34
C TYR A 48 1.26 40.44 7.34
N SER A 49 0.01 40.37 6.91
CA SER A 49 -0.85 41.54 6.83
C SER A 49 -0.18 42.66 6.04
N THR A 50 0.38 42.28 4.91
CA THR A 50 1.01 43.21 3.98
C THR A 50 2.36 43.80 4.32
N SER A 51 2.54 44.29 5.54
CA SER A 51 3.81 44.91 5.89
C SER A 51 4.38 44.65 7.27
N ASN A 52 3.75 43.76 8.02
CA ASN A 52 4.25 43.44 9.36
C ASN A 52 5.30 42.33 9.28
N LEU A 53 6.51 42.62 9.76
CA LEU A 53 7.58 41.62 9.74
C LEU A 53 7.35 40.54 10.82
N ALA A 54 7.46 39.28 10.43
CA ALA A 54 7.29 38.17 11.37
C ALA A 54 8.51 37.99 12.26
N SER A 55 8.40 37.05 13.20
CA SER A 55 9.47 36.79 14.15
C SER A 55 10.81 36.52 13.47
N ALA A 56 11.88 37.10 14.03
CA ALA A 56 13.24 36.95 13.55
C ALA A 56 13.54 37.53 12.16
N VAL A 57 12.58 38.27 11.59
CA VAL A 57 12.75 38.86 10.27
C VAL A 57 13.39 40.25 10.33
N PRO A 58 14.60 40.39 9.75
CA PRO A 58 15.40 41.62 9.69
C PRO A 58 14.63 42.86 9.21
N ALA A 59 15.11 44.03 9.61
CA ALA A 59 14.46 45.27 9.24
C ALA A 59 14.71 45.66 7.78
N ARG A 60 15.74 45.11 7.17
CA ARG A 60 15.97 45.46 5.77
C ARG A 60 14.80 44.97 4.91
N PHE A 61 13.92 44.16 5.51
CA PHE A 61 12.76 43.62 4.82
C PHE A 61 11.55 44.52 5.02
N SER A 62 10.68 44.57 4.02
CA SER A 62 9.45 45.38 4.10
C SER A 62 8.49 44.95 3.01
N GLY A 63 7.20 45.20 3.24
CA GLY A 63 6.19 44.84 2.26
C GLY A 63 5.22 45.99 2.03
N SER A 64 4.63 46.05 0.84
CA SER A 64 3.68 47.11 0.56
C SER A 64 2.71 46.77 -0.58
N GLY A 65 1.77 47.68 -0.81
CA GLY A 65 0.79 47.48 -1.87
C GLY A 65 -0.65 47.43 -1.41
N SER A 66 -1.54 47.18 -2.36
CA SER A 66 -2.96 47.06 -2.07
C SER A 66 -3.68 46.70 -3.35
N GLY A 67 -4.98 46.50 -3.24
CA GLY A 67 -5.77 46.14 -4.40
C GLY A 67 -5.30 44.83 -5.00
N THR A 68 -4.69 44.91 -6.17
CA THR A 68 -4.24 43.73 -6.87
C THR A 68 -2.74 43.68 -7.15
N SER A 69 -1.98 44.59 -6.54
CA SER A 69 -0.53 44.61 -6.74
C SER A 69 0.19 44.83 -5.41
N TYR A 70 1.03 43.88 -5.06
CA TYR A 70 1.76 43.96 -3.80
C TYR A 70 3.23 43.67 -4.04
N SER A 71 4.07 44.05 -3.09
CA SER A 71 5.49 43.81 -3.26
C SER A 71 6.24 43.56 -1.97
N LEU A 72 7.37 42.88 -2.10
CA LEU A 72 8.23 42.61 -0.97
C LEU A 72 9.57 43.19 -1.37
N THR A 73 10.21 43.89 -0.45
CA THR A 73 11.48 44.51 -0.77
C THR A 73 12.55 44.24 0.27
N ILE A 74 13.77 44.08 -0.21
CA ILE A 74 14.94 43.88 0.63
C ILE A 74 15.81 45.06 0.27
N SER A 75 15.97 45.99 1.20
CA SER A 75 16.76 47.20 0.98
C SER A 75 18.21 46.89 0.59
N ARG A 76 18.84 45.97 1.32
CA ARG A 76 20.22 45.58 1.07
C ARG A 76 20.34 44.06 1.14
N MET A 77 20.67 43.44 0.01
CA MET A 77 20.78 42.00 -0.07
C MET A 77 21.85 41.39 0.83
N GLU A 78 21.49 40.31 1.52
CA GLU A 78 22.39 39.60 2.41
C GLU A 78 22.34 38.12 2.07
N ALA A 79 23.46 37.42 2.25
CA ALA A 79 23.53 36.01 1.94
C ALA A 79 22.41 35.23 2.64
N GLU A 80 22.08 35.62 3.85
CA GLU A 80 21.02 34.97 4.63
C GLU A 80 19.63 35.08 3.98
N ASP A 81 19.49 36.02 3.05
CA ASP A 81 18.19 36.22 2.40
C ASP A 81 17.95 35.36 1.16
N ALA A 82 18.97 34.64 0.70
CA ALA A 82 18.79 33.79 -0.48
C ALA A 82 17.78 32.69 -0.16
N ALA A 83 16.73 32.59 -0.98
CA ALA A 83 15.68 31.59 -0.80
C ALA A 83 14.58 31.80 -1.82
N THR A 84 13.53 31.00 -1.72
CA THR A 84 12.40 31.16 -2.62
C THR A 84 11.31 31.85 -1.83
N TYR A 85 10.76 32.91 -2.38
CA TYR A 85 9.69 33.62 -1.69
C TYR A 85 8.33 33.38 -2.35
N TYR A 86 7.30 33.34 -1.51
CA TYR A 86 5.93 33.09 -1.97
C TYR A 86 4.98 34.08 -1.33
N CYS A 87 4.06 34.65 -2.11
CA CYS A 87 3.06 35.52 -1.53
C CYS A 87 1.80 34.70 -1.30
N GLN A 88 0.90 35.21 -0.47
CA GLN A 88 -0.33 34.51 -0.14
C GLN A 88 -1.44 35.49 0.19
N GLN A 89 -2.66 35.12 -0.15
CA GLN A 89 -3.82 35.95 0.14
C GLN A 89 -4.86 35.09 0.83
N ARG A 90 -5.45 35.61 1.90
CA ARG A 90 -6.48 34.87 2.61
C ARG A 90 -7.68 35.79 2.71
N SER A 91 -7.75 36.71 1.77
CA SER A 91 -8.84 37.68 1.75
C SER A 91 -10.11 37.04 1.22
N THR A 92 -9.94 36.08 0.31
CA THR A 92 -11.06 35.35 -0.29
C THR A 92 -10.74 33.85 -0.35
N TYR A 93 -11.74 33.01 -0.07
CA TYR A 93 -11.56 31.57 -0.14
C TYR A 93 -11.75 31.19 -1.60
N PRO A 94 -10.94 30.25 -2.10
CA PRO A 94 -9.87 29.56 -1.37
C PRO A 94 -8.57 30.35 -1.28
N PHE A 95 -7.85 30.21 -0.17
CA PHE A 95 -6.58 30.90 -0.02
C PHE A 95 -5.69 30.42 -1.17
N THR A 96 -4.72 31.23 -1.58
CA THR A 96 -3.84 30.84 -2.67
C THR A 96 -2.43 31.43 -2.53
N PHE A 97 -1.43 30.76 -3.10
CA PHE A 97 -0.05 31.22 -3.03
C PHE A 97 0.41 31.62 -4.42
N GLY A 98 1.43 32.46 -4.49
CA GLY A 98 1.94 32.88 -5.77
C GLY A 98 2.82 31.82 -6.42
N GLY A 99 3.17 32.04 -7.68
CA GLY A 99 4.02 31.12 -8.41
C GLY A 99 5.39 30.96 -7.77
N GLY A 100 5.78 31.92 -6.95
CA GLY A 100 7.07 31.85 -6.29
C GLY A 100 8.20 32.59 -6.98
N THR A 101 9.20 33.01 -6.20
CA THR A 101 10.37 33.71 -6.73
C THR A 101 11.62 33.12 -6.12
N LYS A 102 12.43 32.45 -6.94
CA LYS A 102 13.69 31.84 -6.48
C LYS A 102 14.81 32.89 -6.51
N LEU A 103 15.16 33.39 -5.34
CA LEU A 103 16.20 34.41 -5.20
C LEU A 103 17.56 33.87 -4.74
N GLU A 104 18.55 33.86 -5.63
CA GLU A 104 19.87 33.40 -5.25
C GLU A 104 20.73 34.61 -4.93
N LEU A 105 21.83 34.35 -4.24
CA LEU A 105 22.76 35.40 -3.87
C LEU A 105 24.04 35.26 -4.67
N LYS A 106 24.40 36.33 -5.37
CA LYS A 106 25.63 36.39 -6.18
C LYS A 106 26.83 36.32 -5.24
N ARG A 107 27.91 35.67 -5.67
CA ARG A 107 29.14 35.58 -4.88
C ARG A 107 30.38 35.47 -5.77
N ALA A 108 31.55 35.51 -5.14
CA ALA A 108 32.81 35.42 -5.86
C ALA A 108 32.89 34.12 -6.65
N ASP A 109 33.31 34.21 -7.90
CA ASP A 109 33.40 33.03 -8.76
C ASP A 109 34.25 31.95 -8.07
N ALA A 110 33.78 30.71 -8.11
CA ALA A 110 34.49 29.61 -7.50
C ALA A 110 34.57 28.42 -8.46
N ALA A 111 35.78 27.90 -8.63
CA ALA A 111 35.99 26.77 -9.50
C ALA A 111 35.52 25.52 -8.78
N PRO A 112 34.90 24.58 -9.50
CA PRO A 112 34.40 23.34 -8.91
C PRO A 112 35.46 22.33 -8.52
N THR A 113 35.27 21.67 -7.39
CA THR A 113 36.19 20.63 -6.96
C THR A 113 35.65 19.35 -7.57
N VAL A 114 36.36 18.83 -8.56
CA VAL A 114 35.96 17.62 -9.27
C VAL A 114 36.54 16.35 -8.67
N SER A 115 35.69 15.37 -8.41
CA SER A 115 36.10 14.09 -7.84
C SER A 115 35.48 12.96 -8.66
N ILE A 116 36.30 12.02 -9.11
CA ILE A 116 35.78 10.91 -9.92
C ILE A 116 36.03 9.59 -9.19
N PHE A 117 35.10 8.65 -9.33
CA PHE A 117 35.25 7.36 -8.67
C PHE A 117 34.91 6.21 -9.61
N PRO A 118 35.76 5.18 -9.63
CA PRO A 118 35.47 4.05 -10.52
C PRO A 118 34.43 3.19 -9.81
N PRO A 119 33.74 2.32 -10.56
CA PRO A 119 32.71 1.44 -10.00
C PRO A 119 33.22 0.62 -8.82
N SER A 120 32.40 0.46 -7.80
CA SER A 120 32.80 -0.31 -6.63
C SER A 120 32.88 -1.79 -7.00
N SER A 121 33.63 -2.56 -6.22
CA SER A 121 33.75 -3.98 -6.49
C SER A 121 32.36 -4.57 -6.34
N GLU A 122 31.62 -4.11 -5.33
CA GLU A 122 30.26 -4.57 -5.05
C GLU A 122 29.36 -4.51 -6.27
N GLN A 123 29.23 -3.33 -6.87
CA GLN A 123 28.37 -3.18 -8.04
C GLN A 123 28.81 -4.07 -9.20
N LEU A 124 30.13 -4.19 -9.36
CA LEU A 124 30.69 -5.02 -10.42
C LEU A 124 30.31 -6.49 -10.22
N THR A 125 30.21 -6.94 -8.97
CA THR A 125 29.84 -8.32 -8.72
C THR A 125 28.38 -8.50 -9.14
N SER A 126 27.61 -7.42 -9.03
CA SER A 126 26.20 -7.45 -9.38
C SER A 126 25.98 -7.37 -10.88
N GLY A 127 27.04 -7.10 -11.63
CA GLY A 127 26.90 -7.03 -13.07
C GLY A 127 26.66 -5.65 -13.67
N GLY A 128 26.72 -4.62 -12.84
CA GLY A 128 26.52 -3.27 -13.34
C GLY A 128 27.76 -2.43 -13.12
N ALA A 129 27.94 -1.38 -13.92
CA ALA A 129 29.10 -0.51 -13.77
C ALA A 129 28.76 0.97 -13.83
N SER A 130 28.65 1.59 -12.65
CA SER A 130 28.34 3.02 -12.57
C SER A 130 29.60 3.81 -12.22
N VAL A 131 29.96 4.76 -13.09
CA VAL A 131 31.11 5.62 -12.87
C VAL A 131 30.55 6.95 -12.38
N VAL A 132 31.00 7.44 -11.23
CA VAL A 132 30.46 8.68 -10.69
C VAL A 132 31.44 9.85 -10.63
N CYS A 133 30.91 11.05 -10.77
CA CYS A 133 31.72 12.26 -10.72
C CYS A 133 31.03 13.38 -9.94
N PHE A 134 31.74 13.99 -9.01
CA PHE A 134 31.19 15.10 -8.25
C PHE A 134 31.86 16.39 -8.70
N LEU A 135 31.05 17.43 -8.83
CA LEU A 135 31.51 18.76 -9.20
C LEU A 135 30.96 19.60 -8.04
N ASN A 136 31.72 19.62 -6.96
CA ASN A 136 31.34 20.31 -5.74
C ASN A 136 31.74 21.76 -5.56
N ASN A 137 30.89 22.48 -4.84
CA ASN A 137 31.04 23.89 -4.47
C ASN A 137 31.58 24.88 -5.48
N PHE A 138 30.83 25.14 -6.54
CA PHE A 138 31.24 26.10 -7.56
C PHE A 138 30.22 27.23 -7.71
N TYR A 139 30.58 28.24 -8.48
CA TYR A 139 29.70 29.36 -8.73
C TYR A 139 30.35 30.16 -9.84
N PRO A 140 29.56 30.65 -10.79
CA PRO A 140 28.10 30.53 -10.94
C PRO A 140 27.59 29.12 -11.20
N LYS A 141 26.27 29.02 -11.30
CA LYS A 141 25.53 27.77 -11.59
C LYS A 141 25.92 27.09 -12.92
N ASP A 142 26.03 27.92 -13.96
CA ASP A 142 26.34 27.46 -15.29
C ASP A 142 27.63 26.67 -15.36
N ILE A 143 27.47 25.36 -15.42
CA ILE A 143 28.58 24.43 -15.50
C ILE A 143 28.17 23.42 -16.55
N ASN A 144 29.13 22.88 -17.30
CA ASN A 144 28.79 21.86 -18.28
C ASN A 144 29.73 20.67 -18.16
N VAL A 145 29.16 19.50 -17.93
CA VAL A 145 29.92 18.28 -17.77
C VAL A 145 29.92 17.42 -19.04
N LYS A 146 31.03 16.75 -19.28
CA LYS A 146 31.16 15.88 -20.44
C LYS A 146 31.95 14.65 -20.05
N TRP A 147 31.48 13.48 -20.49
CA TRP A 147 32.18 12.24 -20.20
C TRP A 147 32.96 11.79 -21.42
N LYS A 148 34.19 11.36 -21.18
CA LYS A 148 35.08 10.92 -22.26
C LYS A 148 35.68 9.55 -21.93
N ILE A 149 35.29 8.54 -22.70
CA ILE A 149 35.82 7.20 -22.54
C ILE A 149 36.89 7.02 -23.62
N ASP A 150 38.12 6.81 -23.20
CA ASP A 150 39.23 6.65 -24.13
C ASP A 150 39.30 7.77 -25.17
N GLY A 151 38.98 8.99 -24.73
CA GLY A 151 39.05 10.13 -25.62
C GLY A 151 37.79 10.57 -26.33
N SER A 152 36.81 9.70 -26.42
CA SER A 152 35.56 10.04 -27.10
C SER A 152 34.48 10.53 -26.15
N GLU A 153 33.56 11.32 -26.68
CA GLU A 153 32.48 11.86 -25.87
C GLU A 153 31.34 10.86 -25.73
N ARG A 154 30.82 10.75 -24.52
CA ARG A 154 29.72 9.84 -24.22
C ARG A 154 28.50 10.67 -23.85
N GLN A 155 27.35 10.35 -24.42
CA GLN A 155 26.12 11.08 -24.14
C GLN A 155 25.09 10.23 -23.39
N ASN A 156 24.59 9.19 -24.03
CA ASN A 156 23.59 8.30 -23.42
C ASN A 156 24.10 7.63 -22.15
N GLY A 157 23.18 7.35 -21.23
CA GLY A 157 23.54 6.71 -19.98
C GLY A 157 24.12 7.66 -18.94
N VAL A 158 23.96 8.95 -19.17
CA VAL A 158 24.48 9.96 -18.25
C VAL A 158 23.35 10.66 -17.49
N LEU A 159 23.25 10.38 -16.19
CA LEU A 159 22.22 10.99 -15.32
C LEU A 159 22.82 12.11 -14.46
N ASN A 160 22.30 13.32 -14.62
CA ASN A 160 22.81 14.45 -13.85
C ASN A 160 21.91 14.89 -12.71
N SER A 161 22.51 15.48 -11.69
CA SER A 161 21.76 15.97 -10.53
C SER A 161 22.39 17.26 -10.03
N TRP A 162 21.57 18.30 -9.90
CA TRP A 162 22.05 19.60 -9.44
C TRP A 162 21.41 19.98 -8.11
N THR A 163 22.20 20.59 -7.23
CA THR A 163 21.69 21.05 -5.95
C THR A 163 21.30 22.51 -6.12
N ASP A 164 20.65 23.08 -5.11
CA ASP A 164 20.30 24.48 -5.14
C ASP A 164 21.40 25.18 -4.36
N GLN A 165 21.43 26.50 -4.39
CA GLN A 165 22.47 27.26 -3.70
C GLN A 165 22.58 26.82 -2.24
N ASP A 166 23.79 26.43 -1.83
CA ASP A 166 24.04 26.00 -0.46
C ASP A 166 24.10 27.19 0.49
N SER A 167 23.48 27.01 1.67
CA SER A 167 23.43 28.05 2.69
C SER A 167 24.77 28.28 3.41
N LYS A 168 25.62 27.27 3.39
CA LYS A 168 26.91 27.37 4.04
C LYS A 168 27.93 28.23 3.32
N ASP A 169 28.01 28.13 1.99
CA ASP A 169 28.99 28.92 1.26
C ASP A 169 28.47 29.55 -0.03
N SER A 170 27.16 29.45 -0.25
CA SER A 170 26.50 30.02 -1.43
C SER A 170 26.95 29.45 -2.76
N THR A 171 27.39 28.19 -2.77
CA THR A 171 27.83 27.55 -4.02
C THR A 171 26.82 26.51 -4.52
N TYR A 172 27.15 25.91 -5.65
CA TYR A 172 26.31 24.90 -6.28
C TYR A 172 27.12 23.63 -6.47
N SER A 173 26.45 22.48 -6.34
CA SER A 173 27.11 21.20 -6.51
C SER A 173 26.36 20.29 -7.47
N MET A 174 27.11 19.62 -8.33
CA MET A 174 26.49 18.74 -9.29
C MET A 174 27.09 17.35 -9.24
N SER A 175 26.25 16.35 -9.47
CA SER A 175 26.70 14.99 -9.48
C SER A 175 26.33 14.41 -10.84
N SER A 176 27.26 13.73 -11.47
CA SER A 176 26.99 13.12 -12.76
C SER A 176 27.33 11.64 -12.70
N THR A 177 26.36 10.80 -13.01
CA THR A 177 26.56 9.37 -12.98
C THR A 177 26.42 8.71 -14.35
N LEU A 178 27.44 7.96 -14.75
CA LEU A 178 27.44 7.26 -16.02
C LEU A 178 27.30 5.78 -15.72
N THR A 179 26.18 5.19 -16.14
CA THR A 179 25.96 3.77 -15.89
C THR A 179 26.18 2.98 -17.17
N LEU A 180 26.95 1.90 -17.04
CA LEU A 180 27.26 1.03 -18.16
C LEU A 180 27.19 -0.41 -17.66
N THR A 181 27.13 -1.35 -18.60
CA THR A 181 27.12 -2.76 -18.26
C THR A 181 28.56 -3.11 -17.91
N LYS A 182 28.78 -4.12 -17.07
CA LYS A 182 30.16 -4.50 -16.72
C LYS A 182 30.98 -4.70 -18.01
N ASP A 183 30.31 -5.28 -19.00
CA ASP A 183 30.87 -5.56 -20.32
C ASP A 183 31.38 -4.33 -21.08
N GLU A 184 30.56 -3.28 -21.16
CA GLU A 184 30.96 -2.06 -21.85
C GLU A 184 32.06 -1.32 -21.10
N TYR A 185 31.99 -1.36 -19.77
CA TYR A 185 32.96 -0.69 -18.93
C TYR A 185 34.35 -1.30 -19.07
N GLU A 186 34.42 -2.64 -19.16
CA GLU A 186 35.69 -3.32 -19.28
C GLU A 186 36.21 -3.33 -20.71
N ARG A 187 35.38 -2.83 -21.62
CA ARG A 187 35.76 -2.77 -23.02
C ARG A 187 36.61 -1.52 -23.24
N HIS A 188 36.70 -0.70 -22.21
CA HIS A 188 37.48 0.53 -22.31
C HIS A 188 38.52 0.64 -21.19
N ASN A 189 39.45 1.59 -21.36
CA ASN A 189 40.53 1.76 -20.40
C ASN A 189 40.59 3.08 -19.61
N SER A 190 40.23 4.20 -20.25
CA SER A 190 40.30 5.50 -19.59
C SER A 190 38.99 6.30 -19.49
N TYR A 191 38.59 6.63 -18.27
CA TYR A 191 37.37 7.39 -18.02
C TYR A 191 37.67 8.78 -17.51
N THR A 192 37.09 9.78 -18.19
CA THR A 192 37.31 11.16 -17.80
C THR A 192 36.02 11.93 -17.56
N CYS A 193 36.09 12.87 -16.64
CA CYS A 193 34.97 13.74 -16.29
C CYS A 193 35.45 15.15 -16.66
N GLU A 194 34.83 15.74 -17.68
CA GLU A 194 35.25 17.06 -18.11
C GLU A 194 34.22 18.15 -17.81
N ALA A 195 34.65 19.16 -17.07
CA ALA A 195 33.77 20.25 -16.68
C ALA A 195 34.22 21.62 -17.16
N THR A 196 33.38 22.29 -17.93
CA THR A 196 33.69 23.62 -18.43
C THR A 196 32.98 24.64 -17.56
N HIS A 197 33.75 25.54 -16.96
CA HIS A 197 33.21 26.57 -16.08
C HIS A 197 33.89 27.90 -16.37
N LYS A 198 33.16 28.99 -16.17
CA LYS A 198 33.67 30.34 -16.46
C LYS A 198 34.97 30.66 -15.69
N THR A 199 35.29 29.83 -14.70
CA THR A 199 36.50 30.06 -13.91
C THR A 199 37.77 29.65 -14.66
N SER A 200 37.62 28.89 -15.73
CA SER A 200 38.77 28.45 -16.49
C SER A 200 38.52 28.43 -17.99
N THR A 201 39.54 28.86 -18.73
CA THR A 201 39.50 28.91 -20.19
C THR A 201 39.48 27.48 -20.72
N SER A 202 40.24 26.61 -20.06
CA SER A 202 40.31 25.22 -20.45
C SER A 202 39.55 24.36 -19.45
N PRO A 203 38.90 23.29 -19.94
CA PRO A 203 38.15 22.39 -19.08
C PRO A 203 38.89 21.92 -17.84
N ILE A 204 38.13 21.73 -16.76
CA ILE A 204 38.68 21.22 -15.52
C ILE A 204 38.40 19.73 -15.67
N VAL A 205 39.44 18.90 -15.63
CA VAL A 205 39.24 17.49 -15.81
C VAL A 205 39.86 16.55 -14.80
N LYS A 206 39.21 15.40 -14.63
CA LYS A 206 39.65 14.36 -13.73
C LYS A 206 39.41 13.04 -14.45
N SER A 207 40.29 12.08 -14.22
CA SER A 207 40.16 10.79 -14.88
C SER A 207 40.78 9.69 -14.04
N PHE A 208 40.64 8.46 -14.51
CA PHE A 208 41.21 7.32 -13.83
C PHE A 208 41.37 6.22 -14.88
N ASN A 209 42.36 5.37 -14.68
CA ASN A 209 42.63 4.29 -15.61
C ASN A 209 42.21 2.98 -14.96
N ARG A 210 41.27 2.28 -15.59
CA ARG A 210 40.79 1.01 -15.09
C ARG A 210 42.01 0.10 -14.90
N ASN A 211 42.16 -0.45 -13.69
CA ASN A 211 43.29 -1.33 -13.40
C ASN A 211 42.87 -2.68 -12.84
N GLU A 212 43.65 -3.71 -13.16
CA GLU A 212 43.37 -5.06 -12.71
C GLU A 212 44.19 -5.42 -11.46
N CYS A 213 43.49 -5.69 -10.36
CA CYS A 213 44.11 -6.05 -9.09
C CYS A 213 43.09 -6.68 -8.14
N GLU B 1 6.97 24.22 23.43
CA GLU B 1 7.42 24.25 22.02
C GLU B 1 6.35 23.67 21.10
N VAL B 2 6.02 24.42 20.04
CA VAL B 2 5.00 23.96 19.11
C VAL B 2 5.57 22.93 18.16
N LYS B 3 4.88 21.81 18.02
CA LYS B 3 5.34 20.76 17.11
C LYS B 3 4.16 20.20 16.29
N LEU B 4 4.43 20.00 15.01
CA LEU B 4 3.47 19.49 14.06
C LEU B 4 4.22 18.36 13.37
N GLN B 5 3.59 17.21 13.20
CA GLN B 5 4.28 16.11 12.55
C GLN B 5 3.39 15.30 11.61
N GLU B 6 3.66 15.41 10.32
CA GLU B 6 2.87 14.68 9.32
C GLU B 6 3.39 13.27 9.13
N SER B 7 2.54 12.44 8.55
CA SER B 7 2.90 11.05 8.26
C SER B 7 1.77 10.43 7.44
N GLY B 8 1.94 9.17 7.08
CA GLY B 8 0.93 8.50 6.29
C GLY B 8 1.36 8.54 4.83
N GLY B 9 2.34 9.40 4.55
CA GLY B 9 2.84 9.53 3.20
C GLY B 9 3.64 8.34 2.73
N GLY B 10 3.55 8.04 1.44
CA GLY B 10 4.28 6.92 0.88
C GLY B 10 3.82 6.63 -0.52
N LEU B 11 4.04 5.40 -0.98
CA LEU B 11 3.64 5.00 -2.32
C LEU B 11 2.17 4.62 -2.33
N VAL B 12 1.44 5.13 -3.31
CA VAL B 12 0.02 4.83 -3.43
C VAL B 12 -0.35 4.67 -4.90
N GLN B 13 -1.16 3.65 -5.18
CA GLN B 13 -1.59 3.37 -6.55
C GLN B 13 -2.65 4.32 -7.08
N PRO B 14 -2.48 4.77 -8.33
CA PRO B 14 -3.42 5.69 -8.99
C PRO B 14 -4.87 5.25 -8.80
N GLY B 15 -5.75 6.20 -8.48
CA GLY B 15 -7.14 5.89 -8.30
C GLY B 15 -7.50 5.39 -6.91
N HIS B 16 -6.49 5.17 -6.07
CA HIS B 16 -6.77 4.69 -4.72
C HIS B 16 -6.90 5.83 -3.73
N SER B 17 -6.88 5.51 -2.44
CA SER B 17 -7.01 6.51 -1.39
C SER B 17 -5.88 6.44 -0.41
N LEU B 18 -5.56 7.58 0.18
CA LEU B 18 -4.49 7.65 1.16
C LEU B 18 -4.89 8.67 2.21
N ARG B 19 -4.71 8.33 3.48
CA ARG B 19 -5.04 9.25 4.54
C ARG B 19 -3.77 9.72 5.23
N LEU B 20 -3.59 11.04 5.31
CA LEU B 20 -2.40 11.61 5.95
C LEU B 20 -2.73 12.02 7.37
N SER B 21 -1.73 12.02 8.24
CA SER B 21 -1.95 12.44 9.62
C SER B 21 -1.03 13.58 10.01
N CYS B 22 -1.39 14.26 11.10
CA CYS B 22 -0.62 15.38 11.61
C CYS B 22 -0.85 15.46 13.11
N ALA B 23 0.10 14.90 13.86
CA ALA B 23 0.04 14.91 15.30
C ALA B 23 0.54 16.29 15.71
N THR B 24 -0.04 16.84 16.78
CA THR B 24 0.37 18.17 17.23
C THR B 24 0.54 18.19 18.74
N SER B 25 1.13 19.27 19.25
CA SER B 25 1.32 19.46 20.68
C SER B 25 1.95 20.82 20.92
N GLY B 26 1.86 21.30 22.16
CA GLY B 26 2.42 22.59 22.49
C GLY B 26 1.39 23.71 22.50
N PHE B 27 0.13 23.36 22.28
CA PHE B 27 -0.97 24.33 22.26
C PHE B 27 -2.30 23.60 22.30
N THR B 28 -3.36 24.30 22.70
CA THR B 28 -4.71 23.72 22.75
C THR B 28 -5.29 23.53 21.36
N PHE B 29 -5.14 22.32 20.83
CA PHE B 29 -5.63 21.98 19.50
C PHE B 29 -6.98 22.61 19.12
N THR B 30 -8.03 22.27 19.85
CA THR B 30 -9.38 22.78 19.55
C THR B 30 -9.57 24.29 19.41
N ASP B 31 -8.62 25.09 19.91
CA ASP B 31 -8.74 26.54 19.80
C ASP B 31 -8.25 27.06 18.46
N TYR B 32 -7.65 26.19 17.66
CA TYR B 32 -7.09 26.61 16.38
C TYR B 32 -7.64 25.98 15.10
N TYR B 33 -7.51 26.74 14.02
CA TYR B 33 -7.88 26.32 12.67
C TYR B 33 -6.62 25.57 12.22
N MET B 34 -6.75 24.66 11.25
CA MET B 34 -5.58 23.95 10.73
C MET B 34 -5.70 23.91 9.22
N SER B 35 -4.59 24.16 8.54
CA SER B 35 -4.59 24.12 7.07
C SER B 35 -3.69 23.02 6.53
N TRP B 36 -3.99 22.62 5.30
CA TRP B 36 -3.19 21.62 4.63
C TRP B 36 -2.62 22.31 3.41
N VAL B 37 -1.34 22.08 3.15
CA VAL B 37 -0.68 22.67 2.00
C VAL B 37 0.25 21.63 1.38
N ARG B 38 0.32 21.61 0.05
CA ARG B 38 1.19 20.68 -0.63
C ARG B 38 2.12 21.40 -1.60
N GLN B 39 3.21 20.72 -1.93
CA GLN B 39 4.19 21.27 -2.84
C GLN B 39 4.79 20.13 -3.66
N PRO B 40 4.43 20.04 -4.94
CA PRO B 40 5.00 18.96 -5.75
C PRO B 40 6.46 19.32 -6.02
N PRO B 41 7.36 18.32 -5.96
CA PRO B 41 8.80 18.49 -6.18
C PRO B 41 9.21 19.52 -7.23
N GLY B 42 9.94 20.53 -6.80
CA GLY B 42 10.38 21.58 -7.70
C GLY B 42 9.30 22.54 -8.18
N LYS B 43 8.13 22.50 -7.55
CA LYS B 43 7.02 23.39 -7.95
C LYS B 43 6.57 24.30 -6.80
N ALA B 44 5.56 25.13 -7.09
CA ALA B 44 5.02 26.07 -6.10
C ALA B 44 4.12 25.45 -5.05
N LEU B 45 3.92 26.19 -3.97
CA LEU B 45 3.06 25.74 -2.88
C LEU B 45 1.61 25.85 -3.35
N GLU B 46 0.77 24.96 -2.84
CA GLU B 46 -0.64 24.97 -3.19
C GLU B 46 -1.49 24.74 -1.94
N TRP B 47 -2.37 25.70 -1.65
CA TRP B 47 -3.25 25.56 -0.49
C TRP B 47 -4.38 24.59 -0.83
N LEU B 48 -4.57 23.58 0.00
CA LEU B 48 -5.61 22.58 -0.24
C LEU B 48 -6.87 22.85 0.54
N GLY B 49 -6.74 23.51 1.69
CA GLY B 49 -7.91 23.79 2.49
C GLY B 49 -7.64 23.89 3.97
N LEU B 50 -8.69 24.13 4.76
CA LEU B 50 -8.50 24.24 6.19
C LEU B 50 -9.74 23.75 6.91
N ILE B 51 -9.65 23.62 8.23
CA ILE B 51 -10.80 23.21 9.03
C ILE B 51 -10.75 24.15 10.23
N ARG B 52 -11.92 24.61 10.67
CA ARG B 52 -11.99 25.56 11.76
C ARG B 52 -11.93 24.98 13.17
N ASN B 53 -11.93 25.86 14.18
CA ASN B 53 -11.88 25.45 15.57
C ASN B 53 -13.27 25.23 16.14
N LYS B 54 -13.34 24.76 17.39
CA LYS B 54 -14.61 24.47 18.08
C LYS B 54 -15.59 25.64 17.95
N ALA B 55 -15.14 26.80 18.42
CA ALA B 55 -15.99 27.99 18.40
C ALA B 55 -16.66 28.19 17.05
N ASN B 56 -16.01 27.75 15.98
CA ASN B 56 -16.58 27.90 14.65
C ASN B 56 -17.08 26.59 14.03
N GLY B 57 -17.49 25.66 14.90
CA GLY B 57 -18.05 24.40 14.44
C GLY B 57 -17.22 23.44 13.61
N TYR B 58 -15.90 23.54 13.67
CA TYR B 58 -15.03 22.65 12.90
C TYR B 58 -15.45 22.57 11.44
N THR B 59 -15.85 23.69 10.86
CA THR B 59 -16.24 23.68 9.47
C THR B 59 -15.00 23.61 8.58
N LYS B 60 -15.22 23.23 7.33
CA LYS B 60 -14.13 23.08 6.37
C LYS B 60 -14.39 23.92 5.12
N GLU B 61 -13.27 24.34 4.52
CA GLU B 61 -13.19 25.15 3.33
C GLU B 61 -12.21 24.37 2.44
N TYR B 62 -12.42 24.37 1.13
CA TYR B 62 -11.54 23.62 0.23
C TYR B 62 -11.08 24.36 -1.00
N SER B 63 -9.92 23.94 -1.51
CA SER B 63 -9.38 24.50 -2.73
C SER B 63 -10.26 23.95 -3.85
N ALA B 64 -10.27 24.60 -5.00
CA ALA B 64 -11.11 24.16 -6.12
C ALA B 64 -10.60 22.87 -6.77
N SER B 65 -9.29 22.70 -6.81
CA SER B 65 -8.68 21.53 -7.42
C SER B 65 -8.93 20.23 -6.66
N VAL B 66 -9.40 20.31 -5.43
CA VAL B 66 -9.62 19.09 -4.65
C VAL B 66 -10.99 18.93 -4.02
N LYS B 67 -11.86 19.92 -4.18
CA LYS B 67 -13.20 19.82 -3.61
C LYS B 67 -13.84 18.55 -4.16
N GLY B 68 -14.28 17.67 -3.26
CA GLY B 68 -14.91 16.45 -3.69
C GLY B 68 -14.06 15.21 -3.53
N ARG B 69 -12.76 15.35 -3.76
CA ARG B 69 -11.85 14.21 -3.62
C ARG B 69 -11.20 14.16 -2.25
N PHE B 70 -10.83 15.33 -1.75
CA PHE B 70 -10.16 15.45 -0.47
C PHE B 70 -11.06 15.91 0.67
N THR B 71 -10.89 15.29 1.83
CA THR B 71 -11.69 15.70 2.97
C THR B 71 -10.72 15.93 4.11
N ILE B 72 -10.95 17.01 4.84
CA ILE B 72 -10.12 17.32 5.99
C ILE B 72 -10.94 16.99 7.22
N SER B 73 -10.32 16.40 8.22
CA SER B 73 -11.04 16.09 9.45
C SER B 73 -10.03 16.19 10.57
N ARG B 74 -10.51 16.16 11.79
CA ARG B 74 -9.62 16.24 12.93
C ARG B 74 -10.19 15.44 14.09
N ASP B 75 -9.30 14.74 14.80
CA ASP B 75 -9.70 13.96 15.97
C ASP B 75 -9.28 14.84 17.12
N ASN B 76 -10.22 15.57 17.68
CA ASN B 76 -9.92 16.47 18.79
C ASN B 76 -9.50 15.73 20.05
N SER B 77 -9.81 14.44 20.12
CA SER B 77 -9.41 13.64 21.28
C SER B 77 -7.88 13.67 21.29
N GLN B 78 -7.33 12.90 20.37
CA GLN B 78 -5.89 12.75 20.20
C GLN B 78 -5.17 13.97 19.61
N SER B 79 -5.87 15.09 19.42
CA SER B 79 -5.25 16.29 18.85
C SER B 79 -4.56 15.98 17.51
N ILE B 80 -5.25 15.26 16.63
CA ILE B 80 -4.69 14.89 15.33
C ILE B 80 -5.50 15.45 14.17
N LEU B 81 -4.81 16.01 13.18
CA LEU B 81 -5.46 16.55 11.98
C LEU B 81 -5.32 15.51 10.85
N TYR B 82 -6.32 15.37 10.00
CA TYR B 82 -6.28 14.36 8.94
C TYR B 82 -6.60 14.92 7.57
N LEU B 83 -6.16 14.21 6.54
CA LEU B 83 -6.45 14.58 5.16
C LEU B 83 -6.73 13.30 4.38
N GLN B 84 -7.99 13.12 3.98
CA GLN B 84 -8.41 11.95 3.22
C GLN B 84 -8.32 12.28 1.73
N MET B 85 -7.52 11.51 1.00
CA MET B 85 -7.35 11.75 -0.43
C MET B 85 -7.90 10.57 -1.24
N ASN B 86 -8.91 10.84 -2.07
CA ASN B 86 -9.50 9.79 -2.89
C ASN B 86 -9.19 9.98 -4.37
N ALA B 87 -9.35 8.90 -5.13
CA ALA B 87 -9.11 8.91 -6.57
C ALA B 87 -7.83 9.65 -6.92
N LEU B 88 -6.76 9.33 -6.19
CA LEU B 88 -5.46 9.96 -6.39
C LEU B 88 -4.94 9.88 -7.83
N ARG B 89 -4.27 10.96 -8.24
CA ARG B 89 -3.70 11.07 -9.57
C ARG B 89 -2.23 11.47 -9.38
N ALA B 90 -1.44 11.37 -10.45
CA ALA B 90 -0.03 11.71 -10.37
C ALA B 90 0.16 13.15 -9.88
N GLU B 91 -0.70 14.04 -10.32
CA GLU B 91 -0.61 15.45 -9.93
C GLU B 91 -0.67 15.58 -8.42
N ASP B 92 -1.09 14.53 -7.74
CA ASP B 92 -1.18 14.58 -6.28
C ASP B 92 0.15 14.20 -5.63
N SER B 93 1.13 13.78 -6.43
CA SER B 93 2.45 13.41 -5.91
C SER B 93 3.12 14.67 -5.41
N ALA B 94 3.44 14.71 -4.11
CA ALA B 94 4.05 15.89 -3.54
C ALA B 94 4.34 15.74 -2.06
N THR B 95 4.84 16.82 -1.47
CA THR B 95 5.15 16.88 -0.05
C THR B 95 3.95 17.63 0.55
N TYR B 96 3.31 17.04 1.55
CA TYR B 96 2.17 17.68 2.20
C TYR B 96 2.51 18.18 3.58
N TYR B 97 2.11 19.41 3.88
CA TYR B 97 2.37 20.03 5.17
C TYR B 97 1.06 20.39 5.85
N CYS B 98 1.02 20.30 7.17
CA CYS B 98 -0.15 20.72 7.92
C CYS B 98 0.37 21.97 8.56
N VAL B 99 -0.49 22.97 8.70
CA VAL B 99 -0.10 24.25 9.27
C VAL B 99 -1.13 24.75 10.28
N ARG B 100 -0.65 25.28 11.41
CA ARG B 100 -1.57 25.82 12.40
C ARG B 100 -2.04 27.10 11.76
N ASP B 101 -3.35 27.21 11.59
CA ASP B 101 -3.99 28.36 10.95
C ASP B 101 -4.31 29.40 12.02
N LYS B 102 -5.40 30.16 11.86
CA LYS B 102 -5.75 31.21 12.83
C LYS B 102 -6.24 30.56 14.14
N GLY B 103 -6.15 31.32 15.22
CA GLY B 103 -6.59 30.84 16.51
C GLY B 103 -7.57 31.82 17.13
N SER B 104 -8.06 31.50 18.32
CA SER B 104 -9.03 32.33 19.02
C SER B 104 -8.47 33.60 19.65
N TYR B 105 -7.32 34.06 19.15
CA TYR B 105 -6.73 35.27 19.71
C TYR B 105 -6.34 36.29 18.64
N GLY B 106 -5.42 37.17 19.00
CA GLY B 106 -4.96 38.19 18.08
C GLY B 106 -3.49 38.00 17.80
N ASN B 107 -3.01 36.78 18.04
CA ASN B 107 -1.62 36.48 17.79
C ASN B 107 -1.45 36.25 16.29
N TYR B 108 -1.66 37.32 15.54
CA TYR B 108 -1.57 37.32 14.09
C TYR B 108 -0.19 36.91 13.59
N GLU B 109 0.85 37.47 14.19
CA GLU B 109 2.20 37.14 13.81
C GLU B 109 2.39 35.63 13.85
N ALA B 110 1.48 34.94 14.53
CA ALA B 110 1.57 33.48 14.67
C ALA B 110 0.71 32.69 13.69
N TRP B 111 -0.14 33.37 12.92
CA TRP B 111 -0.99 32.67 11.97
C TRP B 111 -0.18 32.16 10.77
N PHE B 112 -0.37 30.87 10.45
CA PHE B 112 0.32 30.25 9.33
C PHE B 112 1.84 30.27 9.53
N ALA B 113 2.26 30.37 10.78
CA ALA B 113 3.68 30.42 11.11
C ALA B 113 4.30 29.08 11.48
N TYR B 114 3.46 28.13 11.90
CA TYR B 114 3.92 26.78 12.28
C TYR B 114 3.59 25.74 11.25
N TRP B 115 4.62 25.08 10.73
CA TRP B 115 4.48 24.05 9.71
C TRP B 115 5.19 22.77 10.12
N GLY B 116 4.62 21.63 9.72
CA GLY B 116 5.28 20.37 10.02
C GLY B 116 6.43 20.21 9.04
N GLN B 117 7.22 19.16 9.20
CA GLN B 117 8.35 18.91 8.31
C GLN B 117 7.86 18.45 6.94
N GLY B 118 6.64 17.93 6.90
CA GLY B 118 6.07 17.48 5.64
C GLY B 118 6.27 16.01 5.36
N THR B 119 5.28 15.40 4.69
CA THR B 119 5.37 13.98 4.36
C THR B 119 5.25 13.84 2.84
N THR B 120 6.04 12.93 2.28
CA THR B 120 6.07 12.69 0.83
C THR B 120 5.07 11.65 0.37
N VAL B 121 4.21 12.03 -0.57
CA VAL B 121 3.23 11.09 -1.12
C VAL B 121 3.58 10.86 -2.57
N THR B 122 3.71 9.60 -2.97
CA THR B 122 4.03 9.29 -4.35
C THR B 122 2.91 8.46 -4.98
N VAL B 123 2.31 9.01 -6.03
CA VAL B 123 1.22 8.34 -6.75
C VAL B 123 1.76 7.70 -8.02
N SER B 124 1.93 6.40 -7.99
CA SER B 124 2.45 5.69 -9.16
C SER B 124 2.08 4.23 -9.14
N SER B 125 2.03 3.63 -10.33
CA SER B 125 1.69 2.22 -10.45
C SER B 125 2.97 1.38 -10.38
N ALA B 126 4.12 2.04 -10.44
CA ALA B 126 5.41 1.38 -10.38
C ALA B 126 5.57 0.63 -9.05
N LYS B 127 6.29 -0.48 -9.07
CA LYS B 127 6.47 -1.28 -7.85
C LYS B 127 7.61 -0.79 -6.94
N THR B 128 7.47 -1.07 -5.64
CA THR B 128 8.49 -0.68 -4.68
C THR B 128 9.74 -1.49 -4.97
N THR B 129 10.90 -1.01 -4.51
CA THR B 129 12.16 -1.71 -4.73
C THR B 129 13.25 -1.12 -3.85
N PRO B 130 13.95 -1.97 -3.07
CA PRO B 130 15.02 -1.52 -2.18
C PRO B 130 16.21 -1.00 -2.97
N PRO B 131 17.02 -0.15 -2.32
CA PRO B 131 18.21 0.42 -2.95
C PRO B 131 19.46 -0.43 -2.81
N SER B 132 20.34 -0.33 -3.79
CA SER B 132 21.61 -1.03 -3.73
C SER B 132 22.55 0.10 -3.32
N VAL B 133 23.30 -0.10 -2.25
CA VAL B 133 24.20 0.95 -1.78
C VAL B 133 25.65 0.61 -2.11
N TYR B 134 26.30 1.52 -2.82
CA TYR B 134 27.69 1.32 -3.22
C TYR B 134 28.60 2.44 -2.75
N PRO B 135 29.77 2.08 -2.19
CA PRO B 135 30.75 3.04 -1.69
C PRO B 135 31.49 3.73 -2.81
N LEU B 136 31.95 4.94 -2.55
CA LEU B 136 32.71 5.67 -3.55
C LEU B 136 34.03 6.09 -2.92
N ALA B 137 35.07 5.34 -3.25
CA ALA B 137 36.42 5.59 -2.76
C ALA B 137 37.26 5.99 -3.96
N PRO B 138 38.18 6.95 -3.77
CA PRO B 138 39.05 7.44 -4.85
C PRO B 138 39.86 6.34 -5.54
N GLY B 139 40.32 6.63 -6.75
CA GLY B 139 41.11 5.65 -7.49
C GLY B 139 42.52 5.52 -6.94
N SER B 140 43.24 6.64 -6.89
CA SER B 140 44.62 6.66 -6.39
C SER B 140 44.68 6.99 -4.90
N GLN B 143 45.62 10.48 -0.34
CA GLN B 143 46.24 11.60 0.36
C GLN B 143 46.84 12.60 -0.63
N THR B 144 46.34 12.59 -1.86
CA THR B 144 46.83 13.51 -2.87
C THR B 144 46.77 14.95 -2.38
N ASN B 145 45.73 15.27 -1.63
CA ASN B 145 45.54 16.62 -1.09
C ASN B 145 45.37 16.65 0.43
N SER B 146 44.88 17.78 0.94
CA SER B 146 44.66 17.94 2.37
C SER B 146 43.23 17.51 2.68
N MET B 147 42.39 17.53 1.66
CA MET B 147 41.00 17.12 1.79
C MET B 147 40.70 16.02 0.79
N VAL B 148 40.07 14.95 1.27
CA VAL B 148 39.71 13.85 0.38
C VAL B 148 38.20 13.70 0.44
N THR B 149 37.57 13.64 -0.74
CA THR B 149 36.12 13.49 -0.83
C THR B 149 35.71 12.04 -1.02
N LEU B 150 34.69 11.61 -0.29
CA LEU B 150 34.18 10.25 -0.38
C LEU B 150 32.71 10.30 -0.80
N GLY B 151 32.14 9.16 -1.13
CA GLY B 151 30.74 9.16 -1.53
C GLY B 151 30.02 7.84 -1.39
N CYS B 152 28.71 7.88 -1.59
CA CYS B 152 27.87 6.69 -1.52
C CYS B 152 26.87 6.76 -2.65
N LEU B 153 26.76 5.64 -3.38
CA LEU B 153 25.85 5.54 -4.50
C LEU B 153 24.62 4.75 -4.05
N VAL B 154 23.45 5.37 -4.17
CA VAL B 154 22.19 4.74 -3.80
C VAL B 154 21.34 4.69 -5.08
N LYS B 155 21.28 3.53 -5.72
CA LYS B 155 20.53 3.44 -6.96
C LYS B 155 19.47 2.36 -7.00
N GLY B 156 18.61 2.45 -8.02
CA GLY B 156 17.56 1.49 -8.25
C GLY B 156 16.55 1.25 -7.14
N TYR B 157 16.05 2.32 -6.53
CA TYR B 157 15.07 2.16 -5.46
C TYR B 157 13.80 2.88 -5.85
N PHE B 158 12.70 2.55 -5.18
CA PHE B 158 11.41 3.19 -5.46
C PHE B 158 10.40 2.93 -4.36
N PRO B 159 9.72 3.99 -3.88
CA PRO B 159 9.91 5.36 -4.36
C PRO B 159 10.77 6.14 -3.38
N GLU B 160 10.69 7.47 -3.51
CA GLU B 160 11.38 8.36 -2.62
C GLU B 160 10.54 8.32 -1.36
N PRO B 161 11.10 8.70 -0.20
CA PRO B 161 12.48 9.17 -0.08
C PRO B 161 13.42 8.13 0.50
N VAL B 162 14.64 8.58 0.77
CA VAL B 162 15.67 7.76 1.39
C VAL B 162 16.44 8.79 2.20
N THR B 163 17.03 8.35 3.28
CA THR B 163 17.79 9.27 4.10
C THR B 163 19.23 8.80 4.20
N VAL B 164 20.16 9.71 3.92
CA VAL B 164 21.59 9.40 3.99
C VAL B 164 22.22 10.20 5.12
N THR B 165 23.09 9.54 5.87
CA THR B 165 23.80 10.18 6.97
C THR B 165 25.20 9.59 6.98
N TRP B 166 26.14 10.32 7.59
CA TRP B 166 27.52 9.86 7.67
C TRP B 166 27.96 9.77 9.13
N ASN B 167 28.53 8.63 9.51
CA ASN B 167 28.98 8.40 10.87
C ASN B 167 27.85 8.73 11.83
N SER B 168 26.73 8.03 11.64
CA SER B 168 25.53 8.20 12.47
C SER B 168 25.15 9.66 12.67
N GLY B 169 25.52 10.51 11.72
CA GLY B 169 25.18 11.92 11.83
C GLY B 169 26.28 12.77 12.44
N SER B 170 27.25 12.13 13.07
CA SER B 170 28.36 12.84 13.70
C SER B 170 29.11 13.64 12.63
N LEU B 171 28.82 13.30 11.37
CA LEU B 171 29.43 13.97 10.23
C LEU B 171 28.37 14.66 9.40
N SER B 172 28.15 15.94 9.66
CA SER B 172 27.16 16.70 8.93
C SER B 172 27.87 17.76 8.09
N SER B 173 29.06 18.16 8.54
CA SER B 173 29.85 19.15 7.83
C SER B 173 30.49 18.52 6.60
N GLY B 174 30.58 19.31 5.54
CA GLY B 174 31.18 18.84 4.30
C GLY B 174 30.37 17.82 3.54
N VAL B 175 29.13 17.60 3.96
CA VAL B 175 28.26 16.61 3.32
C VAL B 175 27.38 17.19 2.22
N HIS B 176 27.31 16.48 1.11
CA HIS B 176 26.49 16.89 -0.03
C HIS B 176 25.61 15.75 -0.47
N THR B 177 24.31 15.98 -0.43
CA THR B 177 23.38 14.94 -0.85
C THR B 177 22.53 15.46 -1.98
N PHE B 178 22.89 15.04 -3.19
CA PHE B 178 22.21 15.46 -4.40
C PHE B 178 20.80 14.90 -4.54
N PRO B 179 19.89 15.67 -5.15
CA PRO B 179 18.50 15.25 -5.36
C PRO B 179 18.48 13.96 -6.16
N ALA B 180 17.46 13.14 -5.95
CA ALA B 180 17.33 11.90 -6.66
C ALA B 180 16.88 12.14 -8.09
N VAL B 181 17.29 11.25 -8.99
CA VAL B 181 16.90 11.34 -10.39
C VAL B 181 16.18 10.05 -10.75
N LEU B 182 15.01 10.18 -11.35
CA LEU B 182 14.24 9.01 -11.73
C LEU B 182 14.55 8.58 -13.16
N GLN B 183 14.62 7.28 -13.37
CA GLN B 183 14.90 6.75 -14.69
C GLN B 183 14.31 5.34 -14.80
N SER B 184 13.35 5.16 -15.70
CA SER B 184 12.72 3.85 -15.91
C SER B 184 12.13 3.29 -14.61
N ASP B 185 11.26 4.06 -13.98
CA ASP B 185 10.60 3.66 -12.74
C ASP B 185 11.56 3.35 -11.58
N LEU B 186 12.81 3.83 -11.68
CA LEU B 186 13.78 3.62 -10.61
C LEU B 186 14.54 4.90 -10.25
N TYR B 187 14.77 5.11 -8.96
CA TYR B 187 15.47 6.31 -8.46
C TYR B 187 16.93 6.05 -8.14
N THR B 188 17.76 7.04 -8.42
CA THR B 188 19.19 6.95 -8.13
C THR B 188 19.66 8.26 -7.50
N LEU B 189 20.47 8.16 -6.46
CA LEU B 189 21.01 9.36 -5.82
C LEU B 189 22.38 9.07 -5.24
N SER B 190 23.14 10.13 -5.03
CA SER B 190 24.48 10.02 -4.48
C SER B 190 24.69 11.03 -3.35
N SER B 191 25.74 10.80 -2.57
CA SER B 191 26.02 11.68 -1.45
C SER B 191 27.53 11.72 -1.25
N SER B 192 28.09 12.92 -1.21
CA SER B 192 29.52 13.07 -1.01
C SER B 192 29.81 13.71 0.34
N VAL B 193 30.97 13.38 0.87
CA VAL B 193 31.42 13.94 2.13
C VAL B 193 32.88 14.31 1.95
N THR B 194 33.28 15.44 2.52
CA THR B 194 34.66 15.87 2.42
C THR B 194 35.21 15.89 3.83
N VAL B 195 36.36 15.26 4.01
CA VAL B 195 36.98 15.22 5.31
C VAL B 195 38.48 15.39 5.11
N PRO B 196 39.18 15.87 6.14
CA PRO B 196 40.62 16.03 5.98
C PRO B 196 41.34 14.70 5.75
N SER B 197 42.36 14.72 4.90
CA SER B 197 43.12 13.52 4.59
C SER B 197 43.55 12.83 5.87
N SER B 198 43.88 13.64 6.87
CA SER B 198 44.29 13.13 8.17
C SER B 198 43.31 12.11 8.76
N PRO B 199 42.05 12.50 9.00
CA PRO B 199 41.04 11.59 9.57
C PRO B 199 40.67 10.36 8.76
N ARG B 200 41.13 10.28 7.51
CA ARG B 200 40.78 9.11 6.71
C ARG B 200 41.81 8.78 5.65
N PRO B 201 42.11 7.48 5.48
CA PRO B 201 41.54 6.37 6.24
C PRO B 201 42.26 6.19 7.57
N SER B 202 41.74 6.80 8.62
CA SER B 202 42.35 6.71 9.93
C SER B 202 41.30 6.49 11.01
N GLU B 203 40.15 7.13 10.83
CA GLU B 203 39.07 7.01 11.81
C GLU B 203 37.96 6.05 11.36
N THR B 204 37.60 6.13 10.09
CA THR B 204 36.54 5.32 9.47
C THR B 204 35.28 6.12 9.14
N VAL B 205 34.97 6.20 7.86
CA VAL B 205 33.81 6.92 7.36
C VAL B 205 32.78 5.92 6.87
N THR B 206 31.53 6.09 7.29
CA THR B 206 30.44 5.20 6.92
C THR B 206 29.17 5.96 6.59
N CYS B 207 28.49 5.59 5.51
CA CYS B 207 27.24 6.26 5.19
C CYS B 207 26.11 5.31 5.57
N ASN B 208 25.08 5.86 6.19
CA ASN B 208 23.94 5.06 6.60
C ASN B 208 22.77 5.43 5.73
N VAL B 209 22.18 4.43 5.10
CA VAL B 209 21.05 4.66 4.23
C VAL B 209 19.82 3.93 4.71
N ALA B 210 18.70 4.64 4.73
CA ALA B 210 17.45 4.05 5.16
C ALA B 210 16.40 4.30 4.08
N HIS B 211 15.62 3.26 3.78
CA HIS B 211 14.54 3.36 2.81
C HIS B 211 13.29 2.79 3.48
N PRO B 212 12.53 3.64 4.19
CA PRO B 212 11.30 3.23 4.89
C PRO B 212 10.37 2.38 4.02
N ALA B 213 10.00 2.92 2.86
CA ALA B 213 9.10 2.22 1.93
C ALA B 213 9.41 0.74 1.80
N SER B 214 10.70 0.41 1.80
CA SER B 214 11.11 -0.98 1.68
C SER B 214 11.61 -1.54 2.99
N SER B 215 11.48 -0.76 4.06
CA SER B 215 11.94 -1.14 5.39
C SER B 215 13.38 -1.60 5.32
N THR B 216 14.12 -1.00 4.39
CA THR B 216 15.52 -1.29 4.20
C THR B 216 16.35 -0.28 4.97
N LYS B 217 17.49 -0.73 5.49
CA LYS B 217 18.39 0.12 6.24
C LYS B 217 19.73 -0.59 6.26
N VAL B 218 20.74 0.02 5.64
CA VAL B 218 22.06 -0.60 5.59
C VAL B 218 23.19 0.40 5.79
N ASP B 219 24.32 -0.09 6.31
CA ASP B 219 25.50 0.73 6.52
C ASP B 219 26.60 0.29 5.57
N LYS B 220 27.43 1.24 5.16
CA LYS B 220 28.51 0.94 4.24
C LYS B 220 29.78 1.68 4.60
N LYS B 221 30.71 0.95 5.19
CA LYS B 221 32.03 1.50 5.49
C LYS B 221 32.61 1.97 4.17
N ILE B 222 33.56 2.89 4.22
CA ILE B 222 34.20 3.34 3.01
C ILE B 222 35.68 2.97 3.06
N VAL B 223 35.97 1.80 2.50
CA VAL B 223 37.33 1.27 2.45
C VAL B 223 38.08 1.88 1.28
N PRO B 224 39.38 2.17 1.44
CA PRO B 224 40.18 2.75 0.36
C PRO B 224 40.40 1.78 -0.79
N ARG B 225 40.80 2.32 -1.94
CA ARG B 225 41.04 1.51 -3.14
C ARG B 225 42.06 2.17 -4.06
N ASP B 226 42.29 1.61 -5.15
N GLU C 1 -27.98 0.89 10.58
CA GLU C 1 -27.36 -0.44 10.36
C GLU C 1 -25.85 -0.36 10.57
N VAL C 2 -25.34 -1.16 11.51
CA VAL C 2 -23.92 -1.18 11.78
C VAL C 2 -23.22 -1.82 10.58
N LYS C 3 -22.14 -1.19 10.13
CA LYS C 3 -21.36 -1.69 9.00
C LYS C 3 -19.87 -1.43 9.20
N LEU C 4 -19.07 -2.45 8.92
CA LEU C 4 -17.62 -2.43 9.04
C LEU C 4 -17.08 -2.83 7.68
N GLN C 5 -16.05 -2.13 7.23
CA GLN C 5 -15.48 -2.39 5.92
C GLN C 5 -13.96 -2.44 5.91
N GLU C 6 -13.40 -3.63 5.74
CA GLU C 6 -11.95 -3.74 5.70
C GLU C 6 -11.47 -3.58 4.27
N SER C 7 -10.21 -3.16 4.13
CA SER C 7 -9.58 -2.98 2.84
C SER C 7 -8.09 -2.75 3.06
N GLY C 8 -7.35 -2.65 1.96
CA GLY C 8 -5.92 -2.45 2.07
C GLY C 8 -5.19 -3.77 1.95
N GLY C 9 -5.96 -4.85 1.86
CA GLY C 9 -5.35 -6.16 1.74
C GLY C 9 -4.84 -6.44 0.33
N GLY C 10 -4.32 -7.64 0.13
CA GLY C 10 -3.82 -7.98 -1.19
C GLY C 10 -2.47 -8.64 -1.10
N LEU C 11 -1.73 -8.58 -2.20
CA LEU C 11 -0.40 -9.19 -2.27
C LEU C 11 0.70 -8.34 -1.64
N VAL C 12 1.54 -8.97 -0.83
CA VAL C 12 2.66 -8.27 -0.20
C VAL C 12 3.88 -9.17 -0.19
N GLN C 13 5.05 -8.59 -0.40
CA GLN C 13 6.30 -9.35 -0.42
C GLN C 13 6.74 -9.74 0.99
N PRO C 14 7.25 -10.97 1.14
CA PRO C 14 7.71 -11.44 2.46
C PRO C 14 8.71 -10.46 3.08
N GLY C 15 8.43 -10.02 4.30
CA GLY C 15 9.31 -9.08 4.97
C GLY C 15 8.88 -7.64 4.85
N HIS C 16 7.96 -7.35 3.93
CA HIS C 16 7.50 -5.99 3.77
C HIS C 16 6.34 -5.65 4.71
N SER C 17 5.83 -4.42 4.61
CA SER C 17 4.74 -3.94 5.45
C SER C 17 3.44 -3.75 4.70
N LEU C 18 2.34 -3.69 5.45
CA LEU C 18 1.01 -3.51 4.90
C LEU C 18 0.12 -2.85 5.94
N ARG C 19 -0.70 -1.88 5.54
CA ARG C 19 -1.59 -1.22 6.48
C ARG C 19 -3.05 -1.50 6.11
N LEU C 20 -3.75 -2.26 6.95
CA LEU C 20 -5.15 -2.57 6.69
C LEU C 20 -6.01 -1.47 7.27
N SER C 21 -7.17 -1.24 6.67
CA SER C 21 -8.10 -0.23 7.14
C SER C 21 -9.46 -0.87 7.37
N CYS C 22 -10.23 -0.31 8.29
CA CYS C 22 -11.57 -0.81 8.57
C CYS C 22 -12.46 0.41 8.79
N ALA C 23 -13.25 0.71 7.77
CA ALA C 23 -14.15 1.84 7.82
C ALA C 23 -15.42 1.39 8.53
N THR C 24 -15.90 2.21 9.46
CA THR C 24 -17.09 1.86 10.21
C THR C 24 -18.14 2.96 10.07
N SER C 25 -19.37 2.60 10.40
CA SER C 25 -20.49 3.54 10.36
C SER C 25 -21.69 2.89 11.02
N GLY C 26 -22.64 3.70 11.45
CA GLY C 26 -23.83 3.15 12.09
C GLY C 26 -23.79 3.17 13.60
N PHE C 27 -22.70 3.63 14.19
CA PHE C 27 -22.60 3.66 15.64
C PHE C 27 -21.54 4.66 16.10
N THR C 28 -21.60 5.04 17.38
CA THR C 28 -20.63 5.97 17.94
C THR C 28 -19.30 5.27 18.21
N PHE C 29 -18.45 5.31 17.19
CA PHE C 29 -17.13 4.69 17.20
C PHE C 29 -16.39 4.85 18.53
N THR C 30 -16.15 6.08 18.94
CA THR C 30 -15.41 6.35 20.18
C THR C 30 -15.91 5.67 21.44
N ASP C 31 -17.12 5.13 21.42
CA ASP C 31 -17.62 4.45 22.61
C ASP C 31 -17.23 2.98 22.61
N TYR C 32 -16.67 2.50 21.51
CA TYR C 32 -16.34 1.07 21.43
C TYR C 32 -14.90 0.61 21.25
N TYR C 33 -14.59 -0.52 21.88
CA TYR C 33 -13.28 -1.15 21.74
C TYR C 33 -13.42 -1.80 20.36
N MET C 34 -12.30 -2.13 19.72
CA MET C 34 -12.33 -2.79 18.41
C MET C 34 -11.24 -3.87 18.38
N SER C 35 -11.60 -5.07 17.91
CA SER C 35 -10.62 -6.14 17.83
C SER C 35 -10.32 -6.47 16.38
N TRP C 36 -9.19 -7.12 16.16
CA TRP C 36 -8.80 -7.59 14.85
C TRP C 36 -8.70 -9.11 15.01
N VAL C 37 -9.23 -9.84 14.06
CA VAL C 37 -9.18 -11.28 14.11
C VAL C 37 -8.77 -11.74 12.73
N ARG C 38 -8.02 -12.82 12.64
CA ARG C 38 -7.63 -13.28 11.32
C ARG C 38 -7.88 -14.76 11.21
N GLN C 39 -7.89 -15.25 9.98
CA GLN C 39 -8.13 -16.66 9.75
C GLN C 39 -7.48 -17.09 8.43
N PRO C 40 -6.42 -17.90 8.53
CA PRO C 40 -5.75 -18.36 7.31
C PRO C 40 -6.69 -19.38 6.63
N PRO C 41 -6.58 -19.56 5.31
CA PRO C 41 -7.43 -20.49 4.53
C PRO C 41 -7.58 -21.88 5.16
N GLY C 42 -8.83 -22.32 5.30
CA GLY C 42 -9.10 -23.62 5.87
C GLY C 42 -8.54 -23.83 7.27
N LYS C 43 -8.39 -22.74 8.01
CA LYS C 43 -7.84 -22.81 9.38
C LYS C 43 -8.81 -22.14 10.37
N ALA C 44 -8.43 -22.16 11.64
CA ALA C 44 -9.25 -21.59 12.72
C ALA C 44 -9.00 -20.10 12.93
N LEU C 45 -9.93 -19.46 13.63
CA LEU C 45 -9.83 -18.05 13.93
C LEU C 45 -8.72 -17.78 14.94
N GLU C 46 -8.03 -16.65 14.78
CA GLU C 46 -6.96 -16.27 15.68
C GLU C 46 -7.11 -14.79 16.01
N TRP C 47 -7.21 -14.48 17.30
CA TRP C 47 -7.35 -13.11 17.78
C TRP C 47 -5.99 -12.43 17.78
N LEU C 48 -5.90 -11.25 17.17
CA LEU C 48 -4.64 -10.51 17.09
C LEU C 48 -4.46 -9.49 18.21
N GLY C 49 -5.54 -8.81 18.57
CA GLY C 49 -5.47 -7.83 19.63
C GLY C 49 -6.63 -6.87 19.57
N LEU C 50 -6.64 -5.87 20.44
CA LEU C 50 -7.72 -4.89 20.38
C LEU C 50 -7.24 -3.52 20.78
N ILE C 51 -8.11 -2.54 20.63
CA ILE C 51 -7.78 -1.19 21.02
C ILE C 51 -9.04 -0.75 21.74
N ARG C 52 -8.87 -0.14 22.91
CA ARG C 52 -9.99 0.30 23.74
C ARG C 52 -10.62 1.62 23.32
N ASN C 53 -11.77 1.93 23.89
CA ASN C 53 -12.48 3.16 23.56
C ASN C 53 -11.84 4.43 24.15
N LYS C 54 -12.53 5.57 23.99
CA LYS C 54 -12.04 6.87 24.47
C LYS C 54 -11.85 6.86 25.98
N ALA C 55 -12.87 6.42 26.72
CA ALA C 55 -12.82 6.38 28.17
C ALA C 55 -11.57 5.69 28.67
N ASN C 56 -11.19 4.61 28.00
CA ASN C 56 -10.02 3.86 28.41
C ASN C 56 -8.73 4.24 27.69
N GLY C 57 -8.71 5.47 27.15
CA GLY C 57 -7.52 5.98 26.49
C GLY C 57 -7.04 5.31 25.22
N TYR C 58 -7.93 4.64 24.49
CA TYR C 58 -7.52 3.98 23.25
C TYR C 58 -6.25 3.15 23.42
N THR C 59 -6.09 2.51 24.56
CA THR C 59 -4.92 1.68 24.80
C THR C 59 -5.03 0.38 24.01
N LYS C 60 -3.94 -0.36 23.84
CA LYS C 60 -3.97 -1.59 23.05
C LYS C 60 -3.53 -2.81 23.84
N GLU C 61 -3.97 -3.96 23.34
CA GLU C 61 -3.69 -5.28 23.90
C GLU C 61 -3.36 -6.13 22.67
N TYR C 62 -2.32 -6.94 22.74
CA TYR C 62 -1.90 -7.76 21.60
C TYR C 62 -1.69 -9.22 21.92
N SER C 63 -1.72 -10.02 20.86
CA SER C 63 -1.49 -11.44 20.95
C SER C 63 0.02 -11.66 20.80
N ALA C 64 0.58 -12.52 21.64
CA ALA C 64 2.01 -12.83 21.62
C ALA C 64 2.58 -13.06 20.23
N SER C 65 1.90 -13.86 19.42
CA SER C 65 2.35 -14.16 18.06
C SER C 65 2.64 -12.94 17.18
N VAL C 66 1.91 -11.86 17.37
CA VAL C 66 2.09 -10.65 16.57
C VAL C 66 2.67 -9.49 17.35
N LYS C 67 3.04 -9.72 18.60
CA LYS C 67 3.60 -8.63 19.41
C LYS C 67 4.94 -8.17 18.81
N GLY C 68 5.02 -6.85 18.58
CA GLY C 68 6.20 -6.26 18.01
C GLY C 68 6.04 -6.02 16.52
N ARG C 69 5.31 -6.90 15.83
CA ARG C 69 5.12 -6.74 14.40
C ARG C 69 3.87 -5.97 14.00
N PHE C 70 2.78 -6.15 14.76
CA PHE C 70 1.52 -5.49 14.43
C PHE C 70 1.20 -4.35 15.39
N THR C 71 0.75 -3.22 14.85
CA THR C 71 0.38 -2.09 15.69
C THR C 71 -1.03 -1.67 15.34
N ILE C 72 -1.92 -1.72 16.32
CA ILE C 72 -3.30 -1.35 16.09
C ILE C 72 -3.51 0.12 16.42
N SER C 73 -4.21 0.83 15.55
CA SER C 73 -4.49 2.24 15.80
C SER C 73 -5.85 2.58 15.26
N ARG C 74 -6.34 3.75 15.61
CA ARG C 74 -7.63 4.17 15.12
C ARG C 74 -7.67 5.66 14.90
N ASP C 75 -8.58 6.08 14.03
CA ASP C 75 -8.81 7.48 13.69
C ASP C 75 -10.25 7.76 14.07
N ASN C 76 -10.43 8.54 15.12
CA ASN C 76 -11.76 8.86 15.59
C ASN C 76 -12.47 9.99 14.86
N SER C 77 -11.89 10.46 13.75
CA SER C 77 -12.52 11.51 12.94
C SER C 77 -13.47 10.77 12.04
N GLN C 78 -12.88 10.02 11.11
CA GLN C 78 -13.61 9.24 10.14
C GLN C 78 -14.10 7.89 10.68
N SER C 79 -13.75 7.59 11.94
CA SER C 79 -14.15 6.33 12.56
C SER C 79 -13.49 5.16 11.83
N ILE C 80 -12.16 5.23 11.68
CA ILE C 80 -11.42 4.18 10.99
C ILE C 80 -10.50 3.41 11.93
N LEU C 81 -10.51 2.08 11.79
CA LEU C 81 -9.68 1.21 12.59
C LEU C 81 -8.50 0.77 11.74
N TYR C 82 -7.30 0.80 12.29
CA TYR C 82 -6.12 0.40 11.52
C TYR C 82 -5.31 -0.75 12.08
N LEU C 83 -4.67 -1.48 11.17
CA LEU C 83 -3.78 -2.57 11.51
C LEU C 83 -2.52 -2.45 10.67
N GLN C 84 -1.44 -1.97 11.28
CA GLN C 84 -0.16 -1.82 10.60
C GLN C 84 0.57 -3.16 10.80
N MET C 85 0.88 -3.84 9.70
CA MET C 85 1.56 -5.13 9.77
C MET C 85 2.97 -5.03 9.18
N ASN C 86 3.97 -5.27 10.02
CA ASN C 86 5.37 -5.23 9.61
C ASN C 86 6.00 -6.63 9.56
N ALA C 87 7.13 -6.73 8.87
CA ALA C 87 7.88 -7.99 8.72
C ALA C 87 6.99 -9.19 8.44
N LEU C 88 6.16 -9.05 7.44
CA LEU C 88 5.24 -10.11 7.05
C LEU C 88 5.86 -11.39 6.51
N ARG C 89 5.25 -12.51 6.87
CA ARG C 89 5.71 -13.82 6.42
C ARG C 89 4.51 -14.63 5.93
N ALA C 90 4.78 -15.67 5.18
CA ALA C 90 3.76 -16.54 4.62
C ALA C 90 2.66 -16.94 5.60
N GLU C 91 3.03 -17.15 6.85
CA GLU C 91 2.07 -17.55 7.88
C GLU C 91 1.03 -16.46 8.13
N ASP C 92 1.36 -15.22 7.79
CA ASP C 92 0.43 -14.13 8.01
C ASP C 92 -0.63 -14.04 6.94
N SER C 93 -0.53 -14.89 5.91
CA SER C 93 -1.51 -14.92 4.84
C SER C 93 -2.83 -15.45 5.42
N ALA C 94 -3.87 -14.63 5.37
CA ALA C 94 -5.17 -14.98 5.92
C ALA C 94 -6.17 -13.89 5.62
N THR C 95 -7.40 -14.11 6.08
CA THR C 95 -8.46 -13.13 5.92
C THR C 95 -8.47 -12.37 7.24
N TYR C 96 -8.46 -11.05 7.16
CA TYR C 96 -8.48 -10.23 8.37
C TYR C 96 -9.82 -9.55 8.56
N TYR C 97 -10.39 -9.74 9.76
CA TYR C 97 -11.68 -9.17 10.12
C TYR C 97 -11.52 -8.15 11.25
N CYS C 98 -12.30 -7.08 11.21
CA CYS C 98 -12.29 -6.13 12.32
C CYS C 98 -13.61 -6.39 13.01
N VAL C 99 -13.59 -6.37 14.32
CA VAL C 99 -14.80 -6.66 15.08
C VAL C 99 -15.13 -5.56 16.07
N ARG C 100 -16.41 -5.23 16.17
CA ARG C 100 -16.81 -4.23 17.14
C ARG C 100 -16.74 -4.99 18.48
N ASP C 101 -15.92 -4.47 19.38
CA ASP C 101 -15.69 -5.06 20.68
C ASP C 101 -16.64 -4.50 21.75
N LYS C 102 -16.18 -4.44 23.00
CA LYS C 102 -17.05 -3.96 24.09
C LYS C 102 -17.33 -2.45 23.96
N GLY C 103 -18.52 -2.06 24.42
CA GLY C 103 -18.93 -0.67 24.38
C GLY C 103 -18.93 -0.04 25.76
N SER C 104 -19.48 1.17 25.85
CA SER C 104 -19.53 1.91 27.12
C SER C 104 -20.74 1.60 27.99
N TYR C 105 -21.47 0.55 27.67
CA TYR C 105 -22.66 0.18 28.44
C TYR C 105 -22.54 -1.21 29.06
N GLY C 106 -23.69 -1.83 29.31
CA GLY C 106 -23.69 -3.16 29.90
C GLY C 106 -24.42 -4.17 29.03
N ASN C 107 -24.35 -3.98 27.73
CA ASN C 107 -25.02 -4.88 26.78
C ASN C 107 -23.99 -5.86 26.21
N TYR C 108 -23.46 -6.74 27.04
CA TYR C 108 -22.45 -7.69 26.60
C TYR C 108 -22.98 -8.59 25.48
N GLU C 109 -24.29 -8.62 25.33
CA GLU C 109 -24.92 -9.42 24.30
C GLU C 109 -24.43 -9.00 22.93
N ALA C 110 -24.12 -7.72 22.80
CA ALA C 110 -23.68 -7.15 21.55
C ALA C 110 -22.17 -7.19 21.35
N TRP C 111 -21.43 -7.59 22.36
CA TRP C 111 -19.98 -7.61 22.21
C TRP C 111 -19.49 -8.70 21.26
N PHE C 112 -18.68 -8.30 20.29
CA PHE C 112 -18.16 -9.21 19.27
C PHE C 112 -19.27 -9.74 18.35
N ALA C 113 -20.38 -9.00 18.25
CA ALA C 113 -21.49 -9.42 17.39
C ALA C 113 -21.45 -8.83 15.99
N TYR C 114 -20.59 -7.85 15.78
CA TYR C 114 -20.49 -7.24 14.46
C TYR C 114 -19.11 -7.43 13.87
N TRP C 115 -19.07 -8.03 12.70
CA TRP C 115 -17.80 -8.29 12.03
C TRP C 115 -17.83 -7.72 10.63
N GLY C 116 -16.66 -7.43 10.08
CA GLY C 116 -16.58 -6.92 8.73
C GLY C 116 -16.57 -8.14 7.81
N GLN C 117 -16.49 -7.94 6.50
CA GLN C 117 -16.50 -9.05 5.57
C GLN C 117 -15.11 -9.65 5.43
N GLY C 118 -14.10 -8.87 5.81
CA GLY C 118 -12.74 -9.32 5.72
C GLY C 118 -12.06 -9.03 4.39
N THR C 119 -10.74 -8.96 4.45
CA THR C 119 -9.92 -8.72 3.27
C THR C 119 -8.83 -9.77 3.38
N THR C 120 -8.59 -10.52 2.31
CA THR C 120 -7.57 -11.56 2.37
C THR C 120 -6.18 -11.00 2.09
N VAL C 121 -5.22 -11.40 2.91
CA VAL C 121 -3.84 -10.94 2.73
C VAL C 121 -2.96 -12.12 2.32
N THR C 122 -2.17 -11.93 1.26
CA THR C 122 -1.31 -12.98 0.77
C THR C 122 0.15 -12.55 0.78
N VAL C 123 0.94 -13.22 1.60
CA VAL C 123 2.36 -12.91 1.70
C VAL C 123 3.09 -13.86 0.77
N SER C 124 3.62 -13.33 -0.32
CA SER C 124 4.32 -14.16 -1.30
C SER C 124 5.24 -13.33 -2.19
N SER C 125 6.22 -14.00 -2.78
CA SER C 125 7.16 -13.35 -3.67
C SER C 125 6.79 -13.57 -5.12
N ALA C 126 5.75 -14.38 -5.34
CA ALA C 126 5.26 -14.67 -6.68
C ALA C 126 4.61 -13.41 -7.27
N LYS C 127 4.72 -13.23 -8.58
CA LYS C 127 4.15 -12.04 -9.22
C LYS C 127 2.65 -12.09 -9.45
N THR C 128 2.03 -10.92 -9.37
CA THR C 128 0.60 -10.77 -9.59
C THR C 128 0.37 -11.18 -11.04
N THR C 129 -0.78 -11.76 -11.33
CA THR C 129 -1.13 -12.19 -12.69
C THR C 129 -2.64 -12.18 -12.91
N PRO C 130 -3.10 -11.48 -13.96
CA PRO C 130 -4.52 -11.43 -14.25
C PRO C 130 -5.00 -12.79 -14.73
N PRO C 131 -6.28 -13.10 -14.51
CA PRO C 131 -6.80 -14.40 -14.93
C PRO C 131 -7.24 -14.36 -16.39
N SER C 132 -7.35 -15.54 -16.98
CA SER C 132 -7.83 -15.64 -18.34
C SER C 132 -9.18 -16.31 -18.15
N VAL C 133 -10.24 -15.70 -18.67
CA VAL C 133 -11.59 -16.22 -18.52
C VAL C 133 -12.06 -16.88 -19.80
N TYR C 134 -12.42 -18.15 -19.70
CA TYR C 134 -12.89 -18.92 -20.86
C TYR C 134 -14.31 -19.41 -20.69
N PRO C 135 -15.15 -19.20 -21.72
CA PRO C 135 -16.55 -19.65 -21.67
C PRO C 135 -16.60 -21.16 -21.79
N LEU C 136 -17.63 -21.77 -21.20
CA LEU C 136 -17.81 -23.21 -21.25
C LEU C 136 -19.22 -23.59 -21.69
N ALA C 137 -19.35 -23.93 -22.97
CA ALA C 137 -20.65 -24.31 -23.53
C ALA C 137 -20.64 -25.77 -23.95
N PRO C 138 -21.78 -26.46 -23.78
CA PRO C 138 -21.92 -27.89 -24.12
C PRO C 138 -21.47 -28.26 -25.53
N GLY C 139 -20.86 -29.44 -25.65
CA GLY C 139 -20.39 -29.92 -26.94
C GLY C 139 -21.51 -30.35 -27.87
N SER C 140 -22.62 -30.80 -27.30
CA SER C 140 -23.78 -31.24 -28.09
C SER C 140 -24.96 -30.29 -27.86
N ASN C 145 -31.28 -32.18 -22.27
CA ASN C 145 -32.35 -32.24 -21.29
C ASN C 145 -33.13 -30.93 -21.24
N SER C 146 -33.84 -30.71 -20.13
CA SER C 146 -34.61 -29.49 -19.95
C SER C 146 -33.76 -28.44 -19.24
N MET C 147 -32.65 -28.89 -18.67
CA MET C 147 -31.73 -27.99 -17.97
C MET C 147 -30.35 -28.09 -18.61
N VAL C 148 -29.75 -26.94 -18.90
CA VAL C 148 -28.43 -26.90 -19.50
C VAL C 148 -27.45 -26.30 -18.49
N THR C 149 -26.26 -26.87 -18.42
CA THR C 149 -25.25 -26.37 -17.49
C THR C 149 -24.17 -25.63 -18.26
N LEU C 150 -23.80 -24.45 -17.79
CA LEU C 150 -22.77 -23.65 -18.44
C LEU C 150 -21.69 -23.29 -17.41
N GLY C 151 -20.55 -22.79 -17.88
CA GLY C 151 -19.52 -22.43 -16.93
C GLY C 151 -18.47 -21.46 -17.42
N CYS C 152 -17.62 -21.04 -16.49
CA CYS C 152 -16.53 -20.15 -16.80
C CYS C 152 -15.26 -20.67 -16.16
N LEU C 153 -14.19 -20.68 -16.93
CA LEU C 153 -12.89 -21.13 -16.46
C LEU C 153 -12.08 -19.86 -16.25
N VAL C 154 -11.62 -19.65 -15.02
CA VAL C 154 -10.80 -18.49 -14.67
C VAL C 154 -9.47 -19.11 -14.25
N LYS C 155 -8.50 -19.18 -15.16
CA LYS C 155 -7.20 -19.81 -14.84
C LYS C 155 -5.99 -18.90 -15.10
N GLY C 156 -4.93 -19.17 -14.35
CA GLY C 156 -3.68 -18.45 -14.47
C GLY C 156 -3.59 -17.13 -13.73
N TYR C 157 -4.23 -17.01 -12.58
CA TYR C 157 -4.17 -15.75 -11.86
C TYR C 157 -3.53 -15.84 -10.49
N PHE C 158 -3.07 -14.68 -9.99
CA PHE C 158 -2.44 -14.60 -8.68
C PHE C 158 -2.45 -13.14 -8.24
N PRO C 159 -2.77 -12.90 -6.96
CA PRO C 159 -3.13 -13.92 -5.96
C PRO C 159 -4.65 -13.95 -5.82
N GLU C 160 -5.15 -14.67 -4.83
CA GLU C 160 -6.60 -14.69 -4.59
C GLU C 160 -6.91 -13.29 -4.03
N PRO C 161 -8.17 -12.85 -4.10
CA PRO C 161 -9.32 -13.56 -4.66
C PRO C 161 -9.80 -12.96 -5.96
N VAL C 162 -10.78 -13.63 -6.56
CA VAL C 162 -11.45 -13.19 -7.77
C VAL C 162 -12.92 -13.31 -7.38
N THR C 163 -13.78 -12.47 -7.95
CA THR C 163 -15.20 -12.58 -7.64
C THR C 163 -15.93 -12.94 -8.92
N VAL C 164 -16.81 -13.92 -8.82
CA VAL C 164 -17.56 -14.39 -9.97
C VAL C 164 -19.06 -14.22 -9.80
N THR C 165 -19.71 -13.57 -10.76
CA THR C 165 -21.16 -13.41 -10.73
C THR C 165 -21.70 -13.79 -12.10
N TRP C 166 -23.00 -14.06 -12.18
CA TRP C 166 -23.61 -14.42 -13.44
C TRP C 166 -24.70 -13.39 -13.74
N ASN C 167 -24.67 -12.84 -14.96
CA ASN C 167 -25.62 -11.82 -15.39
C ASN C 167 -25.65 -10.68 -14.40
N SER C 168 -24.45 -10.28 -13.96
CA SER C 168 -24.26 -9.19 -13.02
C SER C 168 -25.00 -9.45 -11.72
N GLY C 169 -25.02 -10.71 -11.30
CA GLY C 169 -25.70 -11.08 -10.07
C GLY C 169 -27.17 -11.37 -10.23
N SER C 170 -27.73 -11.07 -11.40
CA SER C 170 -29.13 -11.34 -11.65
C SER C 170 -29.40 -12.84 -11.52
N LEU C 171 -28.45 -13.65 -11.99
CA LEU C 171 -28.57 -15.10 -11.94
C LEU C 171 -27.81 -15.62 -10.72
N SER C 172 -28.54 -16.11 -9.71
CA SER C 172 -27.89 -16.61 -8.50
C SER C 172 -28.27 -18.04 -8.14
N SER C 173 -29.43 -18.48 -8.62
CA SER C 173 -29.88 -19.83 -8.34
C SER C 173 -29.17 -20.79 -9.29
N GLY C 174 -28.88 -22.00 -8.81
CA GLY C 174 -28.22 -22.97 -9.64
C GLY C 174 -26.81 -22.56 -10.03
N VAL C 175 -26.12 -21.92 -9.09
CA VAL C 175 -24.76 -21.47 -9.34
C VAL C 175 -23.79 -22.16 -8.40
N HIS C 176 -22.68 -22.62 -8.95
CA HIS C 176 -21.63 -23.25 -8.16
C HIS C 176 -20.30 -22.65 -8.53
N THR C 177 -19.69 -21.96 -7.58
CA THR C 177 -18.38 -21.40 -7.83
C THR C 177 -17.48 -22.14 -6.87
N PHE C 178 -16.57 -22.94 -7.41
CA PHE C 178 -15.67 -23.73 -6.59
C PHE C 178 -14.43 -22.97 -6.13
N PRO C 179 -13.87 -23.39 -4.97
CA PRO C 179 -12.67 -22.77 -4.41
C PRO C 179 -11.54 -22.88 -5.43
N ALA C 180 -10.66 -21.87 -5.47
CA ALA C 180 -9.55 -21.88 -6.40
C ALA C 180 -8.52 -22.91 -5.98
N VAL C 181 -7.77 -23.44 -6.94
CA VAL C 181 -6.74 -24.41 -6.65
C VAL C 181 -5.38 -23.86 -7.10
N LEU C 182 -4.40 -23.96 -6.22
CA LEU C 182 -3.06 -23.46 -6.53
C LEU C 182 -2.15 -24.48 -7.18
N GLN C 183 -1.51 -24.09 -8.28
CA GLN C 183 -0.59 -24.96 -9.00
C GLN C 183 0.48 -24.10 -9.67
N SER C 184 1.73 -24.31 -9.27
CA SER C 184 2.84 -23.56 -9.85
C SER C 184 2.70 -22.05 -9.65
N ASP C 185 2.29 -21.64 -8.46
CA ASP C 185 2.13 -20.23 -8.16
C ASP C 185 1.07 -19.51 -8.98
N LEU C 186 0.07 -20.26 -9.45
CA LEU C 186 -1.03 -19.68 -10.20
C LEU C 186 -2.30 -20.39 -9.81
N TYR C 187 -3.37 -19.63 -9.63
CA TYR C 187 -4.66 -20.17 -9.25
C TYR C 187 -5.56 -20.48 -10.42
N THR C 188 -6.41 -21.48 -10.24
CA THR C 188 -7.36 -21.90 -11.26
C THR C 188 -8.68 -22.28 -10.61
N LEU C 189 -9.76 -21.63 -11.05
CA LEU C 189 -11.06 -21.97 -10.50
C LEU C 189 -12.15 -21.89 -11.56
N SER C 190 -13.32 -22.41 -11.24
CA SER C 190 -14.41 -22.38 -12.18
C SER C 190 -15.75 -22.21 -11.48
N SER C 191 -16.76 -21.90 -12.28
CA SER C 191 -18.10 -21.70 -11.79
C SER C 191 -19.06 -22.27 -12.81
N SER C 192 -20.08 -22.95 -12.34
CA SER C 192 -21.07 -23.51 -13.23
C SER C 192 -22.38 -22.81 -12.92
N VAL C 193 -23.29 -22.85 -13.88
CA VAL C 193 -24.59 -22.25 -13.70
C VAL C 193 -25.54 -23.12 -14.49
N THR C 194 -26.60 -23.55 -13.84
CA THR C 194 -27.59 -24.39 -14.49
C THR C 194 -28.86 -23.57 -14.68
N VAL C 195 -29.33 -23.48 -15.92
CA VAL C 195 -30.52 -22.73 -16.25
C VAL C 195 -31.38 -23.56 -17.20
N PRO C 196 -32.68 -23.27 -17.27
CA PRO C 196 -33.55 -24.03 -18.17
C PRO C 196 -33.22 -23.85 -19.65
N SER C 197 -33.55 -24.87 -20.44
CA SER C 197 -33.29 -24.86 -21.88
C SER C 197 -33.98 -23.70 -22.59
N SER C 198 -35.07 -23.22 -22.00
CA SER C 198 -35.82 -22.12 -22.59
C SER C 198 -34.98 -20.84 -22.66
N PRO C 199 -34.38 -20.42 -21.53
CA PRO C 199 -33.57 -19.20 -21.45
C PRO C 199 -32.32 -19.14 -22.32
N ARG C 200 -31.55 -20.21 -22.36
CA ARG C 200 -30.31 -20.21 -23.14
C ARG C 200 -30.23 -21.39 -24.10
N PRO C 201 -29.74 -21.15 -25.34
CA PRO C 201 -29.29 -19.85 -25.85
C PRO C 201 -30.43 -19.00 -26.42
N SER C 202 -31.13 -18.27 -25.56
CA SER C 202 -32.25 -17.45 -26.01
C SER C 202 -32.23 -16.06 -25.40
N GLU C 203 -31.80 -15.98 -24.14
CA GLU C 203 -31.79 -14.72 -23.42
C GLU C 203 -30.43 -14.11 -23.13
N THR C 204 -29.37 -14.91 -23.20
CA THR C 204 -28.01 -14.45 -22.91
C THR C 204 -27.59 -14.65 -21.45
N VAL C 205 -26.44 -15.27 -21.28
CA VAL C 205 -25.87 -15.54 -19.97
C VAL C 205 -24.39 -15.17 -20.05
N THR C 206 -23.94 -14.36 -19.10
CA THR C 206 -22.56 -13.91 -19.08
C THR C 206 -22.00 -14.02 -17.67
N CYS C 207 -20.72 -14.40 -17.57
CA CYS C 207 -20.11 -14.47 -16.25
C CYS C 207 -19.23 -13.25 -16.08
N ASN C 208 -19.34 -12.63 -14.91
CA ASN C 208 -18.57 -11.44 -14.60
C ASN C 208 -17.48 -11.80 -13.62
N VAL C 209 -16.23 -11.67 -14.08
CA VAL C 209 -15.07 -12.01 -13.27
C VAL C 209 -14.28 -10.77 -12.92
N ALA C 210 -13.98 -10.60 -11.64
CA ALA C 210 -13.21 -9.45 -11.17
C ALA C 210 -12.00 -9.90 -10.35
N HIS C 211 -10.86 -9.29 -10.63
CA HIS C 211 -9.61 -9.59 -9.92
C HIS C 211 -8.94 -8.25 -9.57
N PRO C 212 -9.31 -7.69 -8.42
CA PRO C 212 -8.77 -6.41 -7.92
C PRO C 212 -7.26 -6.22 -7.87
N ALA C 213 -6.52 -7.25 -7.42
CA ALA C 213 -5.07 -7.15 -7.32
C ALA C 213 -4.44 -6.92 -8.69
N SER C 214 -5.20 -7.27 -9.72
CA SER C 214 -4.76 -7.12 -11.10
C SER C 214 -5.55 -5.97 -11.72
N SER C 215 -6.52 -5.47 -10.95
CA SER C 215 -7.42 -4.39 -11.36
C SER C 215 -8.12 -4.80 -12.67
N THR C 216 -8.39 -6.09 -12.77
CA THR C 216 -9.05 -6.70 -13.92
C THR C 216 -10.55 -6.91 -13.72
N LYS C 217 -11.31 -6.80 -14.81
CA LYS C 217 -12.75 -6.99 -14.78
C LYS C 217 -13.20 -7.39 -16.18
N VAL C 218 -13.62 -8.64 -16.34
CA VAL C 218 -14.05 -9.07 -17.66
C VAL C 218 -15.40 -9.76 -17.61
N ASP C 219 -16.08 -9.75 -18.75
CA ASP C 219 -17.39 -10.38 -18.88
C ASP C 219 -17.31 -11.30 -20.09
N LYS C 220 -17.62 -12.57 -19.89
CA LYS C 220 -17.56 -13.55 -20.98
C LYS C 220 -18.95 -14.09 -21.30
N LYS C 221 -19.43 -13.74 -22.49
CA LYS C 221 -20.73 -14.20 -22.94
C LYS C 221 -20.56 -15.69 -23.25
N ILE C 222 -21.51 -16.51 -22.84
CA ILE C 222 -21.41 -17.91 -23.14
C ILE C 222 -22.14 -18.15 -24.44
N VAL C 223 -21.36 -18.49 -25.46
CA VAL C 223 -21.90 -18.74 -26.79
C VAL C 223 -21.92 -20.23 -27.06
N PRO C 224 -22.98 -20.72 -27.72
CA PRO C 224 -23.08 -22.14 -28.03
C PRO C 224 -22.00 -22.65 -28.98
N ARG C 225 -21.70 -23.94 -28.90
CA ARG C 225 -20.69 -24.54 -29.77
C ARG C 225 -21.21 -25.87 -30.32
N ASP C 226 -20.40 -26.61 -30.93
N ASP D 1 -2.26 -17.23 27.05
CA ASP D 1 -2.03 -18.33 26.06
C ASP D 1 -2.92 -19.52 26.36
N ILE D 2 -4.12 -19.26 26.87
CA ILE D 2 -5.07 -20.32 27.18
C ILE D 2 -5.46 -21.01 25.87
N GLU D 3 -5.16 -22.29 25.75
CA GLU D 3 -5.51 -23.00 24.53
C GLU D 3 -6.85 -23.68 24.66
N LEU D 4 -7.69 -23.52 23.66
CA LEU D 4 -9.04 -24.10 23.66
C LEU D 4 -9.14 -25.23 22.65
N THR D 5 -9.41 -26.43 23.15
CA THR D 5 -9.53 -27.62 22.30
C THR D 5 -10.99 -28.09 22.18
N GLN D 6 -11.52 -28.09 20.96
CA GLN D 6 -12.90 -28.51 20.74
C GLN D 6 -12.99 -29.94 20.20
N SER D 7 -14.01 -30.66 20.65
CA SER D 7 -14.26 -32.02 20.18
C SER D 7 -15.77 -32.14 20.02
N PRO D 8 -16.21 -32.82 18.96
CA PRO D 8 -15.38 -33.45 17.93
C PRO D 8 -14.88 -32.40 16.95
N ALA D 9 -13.94 -32.80 16.09
CA ALA D 9 -13.39 -31.90 15.09
C ALA D 9 -14.30 -31.84 13.85
N ILE D 10 -14.85 -33.00 13.50
CA ILE D 10 -15.74 -33.11 12.35
C ILE D 10 -16.82 -34.16 12.65
N MET D 11 -18.02 -33.94 12.14
CA MET D 11 -19.10 -34.88 12.35
C MET D 11 -20.29 -34.59 11.47
N ALA D 12 -20.96 -35.65 11.03
CA ALA D 12 -22.14 -35.58 10.19
C ALA D 12 -23.33 -36.05 11.03
N ALA D 13 -24.33 -35.20 11.18
CA ALA D 13 -25.50 -35.55 11.98
C ALA D 13 -26.76 -35.73 11.14
N SER D 14 -27.67 -36.55 11.65
CA SER D 14 -28.93 -36.81 10.99
C SER D 14 -29.90 -35.77 11.51
N PRO D 15 -30.95 -35.46 10.74
CA PRO D 15 -31.88 -34.46 11.24
C PRO D 15 -32.49 -34.98 12.53
N GLY D 16 -32.48 -34.16 13.58
CA GLY D 16 -33.08 -34.59 14.84
C GLY D 16 -32.08 -35.07 15.87
N GLU D 17 -30.96 -35.60 15.41
CA GLU D 17 -29.92 -36.12 16.28
C GLU D 17 -29.33 -34.99 17.14
N LYS D 18 -29.21 -35.26 18.44
CA LYS D 18 -28.65 -34.29 19.39
C LYS D 18 -27.16 -34.16 19.13
N VAL D 19 -26.64 -32.95 19.27
CA VAL D 19 -25.24 -32.67 19.02
C VAL D 19 -24.66 -31.88 20.17
N THR D 20 -23.48 -32.28 20.62
CA THR D 20 -22.83 -31.58 21.71
C THR D 20 -21.39 -31.34 21.33
N ILE D 21 -20.99 -30.07 21.37
CA ILE D 21 -19.63 -29.68 21.05
C ILE D 21 -19.01 -29.30 22.38
N THR D 22 -17.85 -29.85 22.71
CA THR D 22 -17.23 -29.48 23.97
C THR D 22 -15.95 -28.73 23.74
N CYS D 23 -15.74 -27.71 24.56
CA CYS D 23 -14.55 -26.87 24.49
C CYS D 23 -13.82 -27.05 25.81
N SER D 24 -12.60 -27.57 25.76
CA SER D 24 -11.83 -27.74 26.98
C SER D 24 -10.64 -26.77 26.97
N ALA D 25 -10.50 -26.01 28.05
CA ALA D 25 -9.44 -25.03 28.19
C ALA D 25 -8.32 -25.51 29.12
N THR D 26 -7.11 -25.01 28.87
CA THR D 26 -5.95 -25.38 29.67
C THR D 26 -5.93 -24.62 30.99
N SER D 27 -6.84 -23.66 31.11
CA SER D 27 -6.99 -22.86 32.33
C SER D 27 -8.48 -22.66 32.52
N GLY D 28 -8.89 -22.30 33.73
CA GLY D 28 -10.29 -22.08 33.98
C GLY D 28 -10.71 -20.71 33.51
N VAL D 29 -11.78 -20.62 32.73
CA VAL D 29 -12.24 -19.31 32.28
C VAL D 29 -13.59 -19.01 32.91
N ASN D 30 -13.91 -17.73 33.05
CA ASN D 30 -15.15 -17.32 33.68
C ASN D 30 -16.36 -17.48 32.78
N TYR D 31 -16.16 -17.26 31.48
CA TYR D 31 -17.23 -17.37 30.50
C TYR D 31 -16.74 -17.99 29.19
N MET D 32 -17.68 -18.41 28.36
CA MET D 32 -17.33 -18.97 27.07
C MET D 32 -18.33 -18.47 26.05
N HIS D 33 -17.82 -18.05 24.90
CA HIS D 33 -18.69 -17.53 23.85
C HIS D 33 -18.56 -18.42 22.64
N TRP D 34 -19.63 -18.47 21.84
CA TRP D 34 -19.62 -19.32 20.66
C TRP D 34 -20.01 -18.58 19.39
N PHE D 35 -19.35 -18.96 18.31
CA PHE D 35 -19.61 -18.37 17.02
C PHE D 35 -19.90 -19.44 15.96
N GLN D 36 -20.78 -19.10 15.03
CA GLN D 36 -21.15 -20.02 13.95
C GLN D 36 -20.65 -19.42 12.64
N GLN D 37 -19.88 -20.20 11.89
CA GLN D 37 -19.39 -19.69 10.62
C GLN D 37 -19.75 -20.61 9.48
N LYS D 38 -20.62 -20.11 8.62
CA LYS D 38 -21.04 -20.86 7.44
C LYS D 38 -20.09 -20.52 6.30
N PRO D 39 -19.76 -21.45 5.39
CA PRO D 39 -18.84 -21.14 4.28
C PRO D 39 -19.08 -19.84 3.54
N GLY D 40 -17.99 -19.18 3.18
CA GLY D 40 -18.05 -17.93 2.46
C GLY D 40 -18.32 -16.68 3.29
N THR D 41 -18.90 -16.84 4.47
CA THR D 41 -19.22 -15.68 5.32
C THR D 41 -18.36 -15.48 6.54
N SER D 42 -18.64 -14.37 7.24
CA SER D 42 -17.93 -14.01 8.44
C SER D 42 -18.56 -14.70 9.62
N PRO D 43 -17.76 -14.98 10.65
CA PRO D 43 -18.31 -15.65 11.83
C PRO D 43 -19.50 -14.87 12.39
N LYS D 44 -20.40 -15.58 13.05
CA LYS D 44 -21.58 -14.98 13.65
C LYS D 44 -21.64 -15.31 15.14
N LEU D 45 -21.86 -14.30 15.98
CA LEU D 45 -21.99 -14.55 17.42
C LEU D 45 -23.19 -15.46 17.55
N TRP D 46 -23.04 -16.56 18.29
CA TRP D 46 -24.14 -17.52 18.43
C TRP D 46 -24.62 -17.61 19.87
N ILE D 47 -23.68 -17.67 20.79
CA ILE D 47 -24.02 -17.73 22.20
C ILE D 47 -23.04 -16.84 22.90
N TYR D 48 -23.53 -15.95 23.76
CA TYR D 48 -22.62 -15.07 24.45
C TYR D 48 -22.71 -15.25 25.96
N SER D 49 -21.57 -15.11 26.63
CA SER D 49 -21.50 -15.26 28.06
C SER D 49 -22.05 -16.60 28.52
N THR D 50 -21.55 -17.66 27.89
CA THR D 50 -21.87 -19.04 28.24
C THR D 50 -23.21 -19.66 27.90
N SER D 51 -24.31 -18.99 28.23
CA SER D 51 -25.62 -19.59 27.97
C SER D 51 -26.65 -18.70 27.31
N ASN D 52 -26.29 -17.47 26.96
CA ASN D 52 -27.27 -16.57 26.32
C ASN D 52 -27.28 -16.67 24.80
N LEU D 53 -28.44 -17.01 24.23
CA LEU D 53 -28.58 -17.11 22.78
C LEU D 53 -28.55 -15.74 22.13
N ALA D 54 -27.77 -15.62 21.05
CA ALA D 54 -27.65 -14.37 20.32
C ALA D 54 -28.88 -14.14 19.45
N SER D 55 -28.93 -13.00 18.78
CA SER D 55 -30.08 -12.66 17.93
C SER D 55 -30.46 -13.73 16.91
N ALA D 56 -31.74 -14.06 16.87
CA ALA D 56 -32.23 -15.05 15.91
C ALA D 56 -31.71 -16.46 16.12
N VAL D 57 -31.02 -16.73 17.22
CA VAL D 57 -30.58 -18.11 17.41
C VAL D 57 -31.76 -18.92 17.97
N PRO D 58 -32.17 -19.98 17.26
CA PRO D 58 -33.29 -20.84 17.66
C PRO D 58 -33.12 -21.46 19.05
N ALA D 59 -34.24 -21.64 19.73
CA ALA D 59 -34.28 -22.22 21.07
C ALA D 59 -33.61 -23.59 21.19
N ARG D 60 -33.57 -24.36 20.10
CA ARG D 60 -32.96 -25.68 20.16
C ARG D 60 -31.48 -25.63 20.54
N PHE D 61 -30.92 -24.43 20.56
CA PHE D 61 -29.51 -24.23 20.92
C PHE D 61 -29.39 -23.90 22.41
N SER D 62 -28.39 -24.48 23.07
CA SER D 62 -28.15 -24.18 24.48
C SER D 62 -26.65 -24.22 24.75
N GLY D 63 -26.22 -23.41 25.71
CA GLY D 63 -24.80 -23.37 26.06
C GLY D 63 -24.58 -23.49 27.55
N SER D 64 -23.58 -24.27 27.95
CA SER D 64 -23.29 -24.43 29.37
C SER D 64 -21.80 -24.67 29.60
N GLY D 65 -21.45 -24.90 30.86
CA GLY D 65 -20.07 -25.15 31.20
C GLY D 65 -19.56 -24.20 32.25
N SER D 66 -18.30 -24.39 32.63
CA SER D 66 -17.66 -23.55 33.63
C SER D 66 -16.21 -23.96 33.70
N GLY D 67 -15.36 -23.05 34.18
CA GLY D 67 -13.94 -23.34 34.31
C GLY D 67 -13.22 -23.83 33.06
N THR D 68 -12.80 -25.10 33.07
CA THR D 68 -12.07 -25.66 31.93
C THR D 68 -12.92 -26.44 30.92
N SER D 69 -14.22 -26.45 31.09
CA SER D 69 -15.04 -27.20 30.15
C SER D 69 -16.39 -26.57 29.87
N TYR D 70 -16.62 -26.27 28.60
CA TYR D 70 -17.88 -25.68 28.18
C TYR D 70 -18.40 -26.40 26.96
N SER D 71 -19.68 -26.27 26.72
CA SER D 71 -20.26 -26.95 25.57
C SER D 71 -21.42 -26.21 24.93
N LEU D 72 -21.65 -26.54 23.68
CA LEU D 72 -22.74 -25.97 22.91
C LEU D 72 -23.53 -27.20 22.50
N THR D 73 -24.82 -27.21 22.80
CA THR D 73 -25.66 -28.35 22.46
C THR D 73 -26.79 -27.96 21.52
N ILE D 74 -27.11 -28.87 20.61
CA ILE D 74 -28.22 -28.69 19.68
C ILE D 74 -29.12 -29.88 20.01
N SER D 75 -30.22 -29.64 20.72
CA SER D 75 -31.12 -30.73 21.10
C SER D 75 -31.51 -31.61 19.91
N ARG D 76 -31.91 -31.00 18.80
CA ARG D 76 -32.29 -31.73 17.60
C ARG D 76 -31.74 -31.03 16.35
N MET D 77 -30.76 -31.69 15.74
CA MET D 77 -30.09 -31.18 14.55
C MET D 77 -31.00 -30.74 13.41
N GLU D 78 -30.68 -29.57 12.83
CA GLU D 78 -31.42 -29.00 11.71
C GLU D 78 -30.46 -28.74 10.56
N ALA D 79 -30.95 -28.86 9.33
CA ALA D 79 -30.15 -28.63 8.15
C ALA D 79 -29.45 -27.26 8.19
N GLU D 80 -30.18 -26.22 8.59
CA GLU D 80 -29.63 -24.86 8.67
C GLU D 80 -28.50 -24.75 9.70
N ASP D 81 -28.39 -25.75 10.57
CA ASP D 81 -27.36 -25.74 11.59
C ASP D 81 -25.99 -26.20 11.11
N ALA D 82 -25.93 -26.77 9.91
CA ALA D 82 -24.65 -27.25 9.38
C ALA D 82 -23.72 -26.07 9.18
N ALA D 83 -22.58 -26.09 9.86
CA ALA D 83 -21.61 -25.01 9.77
C ALA D 83 -20.44 -25.37 10.64
N THR D 84 -19.52 -24.41 10.81
CA THR D 84 -18.37 -24.61 11.67
C THR D 84 -18.58 -23.74 12.90
N TYR D 85 -18.34 -24.29 14.08
CA TYR D 85 -18.50 -23.54 15.32
C TYR D 85 -17.18 -23.35 16.07
N TYR D 86 -17.02 -22.17 16.69
CA TYR D 86 -15.82 -21.87 17.44
C TYR D 86 -16.14 -21.33 18.86
N CYS D 87 -15.42 -21.78 19.87
CA CYS D 87 -15.63 -21.22 21.20
C CYS D 87 -14.61 -20.11 21.32
N GLN D 88 -14.77 -19.27 22.34
CA GLN D 88 -13.86 -18.16 22.55
C GLN D 88 -13.93 -17.75 24.00
N GLN D 89 -12.77 -17.47 24.58
CA GLN D 89 -12.70 -17.00 25.96
C GLN D 89 -12.04 -15.63 25.96
N ARG D 90 -12.62 -14.69 26.69
CA ARG D 90 -12.05 -13.35 26.78
C ARG D 90 -11.89 -13.09 28.26
N SER D 91 -11.58 -14.15 28.99
CA SER D 91 -11.39 -14.05 30.43
C SER D 91 -9.97 -13.58 30.71
N THR D 92 -9.01 -14.03 29.90
CA THR D 92 -7.62 -13.65 30.07
C THR D 92 -6.96 -13.25 28.76
N TYR D 93 -6.14 -12.19 28.78
CA TYR D 93 -5.44 -11.77 27.57
C TYR D 93 -4.28 -12.76 27.38
N PRO D 94 -4.03 -13.19 26.13
CA PRO D 94 -4.77 -12.80 24.93
C PRO D 94 -6.05 -13.61 24.77
N PHE D 95 -7.06 -13.02 24.13
CA PHE D 95 -8.32 -13.70 23.87
C PHE D 95 -7.93 -14.87 22.96
N THR D 96 -8.67 -15.97 23.02
CA THR D 96 -8.34 -17.10 22.17
C THR D 96 -9.58 -17.82 21.66
N PHE D 97 -9.43 -18.54 20.55
CA PHE D 97 -10.52 -19.29 19.93
C PHE D 97 -10.20 -20.77 19.96
N GLY D 98 -11.23 -21.61 19.93
CA GLY D 98 -11.00 -23.04 19.90
C GLY D 98 -10.69 -23.50 18.47
N GLY D 99 -10.14 -24.71 18.33
CA GLY D 99 -9.80 -25.22 17.00
C GLY D 99 -10.96 -25.41 16.02
N GLY D 100 -12.19 -25.18 16.49
CA GLY D 100 -13.34 -25.30 15.61
C GLY D 100 -13.91 -26.68 15.38
N THR D 101 -15.20 -26.74 15.05
CA THR D 101 -15.88 -28.00 14.79
C THR D 101 -16.78 -27.89 13.57
N LYS D 102 -16.53 -28.73 12.56
CA LYS D 102 -17.34 -28.74 11.33
C LYS D 102 -18.53 -29.68 11.51
N LEU D 103 -19.72 -29.12 11.43
CA LEU D 103 -20.95 -29.88 11.59
C LEU D 103 -21.66 -29.97 10.25
N GLU D 104 -21.78 -31.18 9.72
CA GLU D 104 -22.43 -31.38 8.44
C GLU D 104 -23.74 -32.13 8.64
N LEU D 105 -24.70 -31.89 7.74
CA LEU D 105 -26.00 -32.52 7.85
C LEU D 105 -26.24 -33.63 6.85
N LYS D 106 -26.74 -34.73 7.37
CA LYS D 106 -27.05 -35.91 6.57
C LYS D 106 -28.35 -35.68 5.80
N ARG D 107 -28.47 -36.33 4.65
CA ARG D 107 -29.69 -36.23 3.82
C ARG D 107 -29.75 -37.45 2.89
N ALA D 108 -30.79 -37.50 2.07
CA ALA D 108 -30.94 -38.60 1.14
C ALA D 108 -29.81 -38.63 0.10
N ASP D 109 -29.50 -39.82 -0.41
CA ASP D 109 -28.46 -39.97 -1.43
C ASP D 109 -28.90 -39.25 -2.70
N ALA D 110 -27.94 -38.63 -3.38
CA ALA D 110 -28.21 -37.89 -4.61
C ALA D 110 -27.11 -38.20 -5.63
N ALA D 111 -27.53 -38.58 -6.83
CA ALA D 111 -26.58 -38.89 -7.89
C ALA D 111 -26.02 -37.60 -8.46
N PRO D 112 -24.74 -37.60 -8.82
CA PRO D 112 -24.19 -36.36 -9.37
C PRO D 112 -24.68 -36.10 -10.79
N THR D 113 -24.80 -34.83 -11.12
CA THR D 113 -25.19 -34.42 -12.46
C THR D 113 -23.83 -34.07 -13.07
N VAL D 114 -23.35 -34.92 -13.97
CA VAL D 114 -22.04 -34.73 -14.60
C VAL D 114 -22.12 -33.98 -15.93
N SER D 115 -21.21 -33.02 -16.12
CA SER D 115 -21.13 -32.23 -17.34
C SER D 115 -19.68 -32.04 -17.72
N ILE D 116 -19.33 -32.34 -18.97
CA ILE D 116 -17.96 -32.19 -19.43
C ILE D 116 -17.83 -31.12 -20.51
N PHE D 117 -16.72 -30.41 -20.51
CA PHE D 117 -16.51 -29.35 -21.48
C PHE D 117 -15.14 -29.41 -22.13
N PRO D 118 -15.09 -29.52 -23.46
CA PRO D 118 -13.77 -29.56 -24.08
C PRO D 118 -13.22 -28.14 -24.03
N PRO D 119 -11.94 -27.95 -24.39
CA PRO D 119 -11.36 -26.61 -24.37
C PRO D 119 -12.13 -25.63 -25.25
N SER D 120 -12.31 -24.40 -24.79
CA SER D 120 -13.01 -23.39 -25.57
C SER D 120 -12.11 -22.95 -26.72
N SER D 121 -12.70 -22.49 -27.82
CA SER D 121 -11.92 -22.02 -28.97
C SER D 121 -11.01 -20.91 -28.52
N GLU D 122 -11.52 -20.03 -27.66
CA GLU D 122 -10.73 -18.92 -27.12
C GLU D 122 -9.46 -19.43 -26.46
N GLN D 123 -9.58 -20.50 -25.68
CA GLN D 123 -8.40 -21.03 -25.01
C GLN D 123 -7.51 -21.68 -26.06
N LEU D 124 -8.10 -22.35 -27.05
CA LEU D 124 -7.28 -22.97 -28.09
C LEU D 124 -6.54 -21.89 -28.88
N THR D 125 -7.20 -20.77 -29.20
CA THR D 125 -6.52 -19.72 -29.94
C THR D 125 -5.43 -19.10 -29.06
N SER D 126 -5.62 -19.19 -27.74
CA SER D 126 -4.65 -18.66 -26.78
C SER D 126 -3.38 -19.51 -26.75
N GLY D 127 -3.50 -20.75 -27.21
CA GLY D 127 -2.36 -21.63 -27.21
C GLY D 127 -2.39 -22.62 -26.06
N GLY D 128 -3.53 -22.68 -25.36
CA GLY D 128 -3.65 -23.61 -24.25
C GLY D 128 -4.85 -24.54 -24.39
N ALA D 129 -4.95 -25.49 -23.47
CA ALA D 129 -6.04 -26.45 -23.51
C ALA D 129 -6.38 -26.94 -22.12
N SER D 130 -7.66 -26.96 -21.81
CA SER D 130 -8.12 -27.42 -20.51
C SER D 130 -9.46 -28.10 -20.66
N VAL D 131 -9.57 -29.30 -20.11
CA VAL D 131 -10.82 -30.04 -20.17
C VAL D 131 -11.47 -29.96 -18.81
N VAL D 132 -12.68 -29.42 -18.75
CA VAL D 132 -13.38 -29.25 -17.47
C VAL D 132 -14.54 -30.21 -17.28
N CYS D 133 -14.68 -30.71 -16.06
CA CYS D 133 -15.75 -31.64 -15.75
C CYS D 133 -16.40 -31.31 -14.40
N PHE D 134 -17.68 -30.98 -14.44
CA PHE D 134 -18.41 -30.66 -13.23
C PHE D 134 -19.22 -31.88 -12.77
N LEU D 135 -19.25 -32.09 -11.45
CA LEU D 135 -20.02 -33.16 -10.85
C LEU D 135 -20.83 -32.46 -9.77
N ASN D 136 -22.05 -32.07 -10.10
CA ASN D 136 -22.87 -31.29 -9.16
C ASN D 136 -24.04 -31.94 -8.42
N ASN D 137 -24.31 -31.36 -7.26
CA ASN D 137 -25.42 -31.75 -6.40
C ASN D 137 -25.54 -33.22 -6.02
N PHE D 138 -24.50 -33.78 -5.44
CA PHE D 138 -24.54 -35.18 -5.03
C PHE D 138 -24.34 -35.31 -3.54
N TYR D 139 -24.72 -36.47 -3.00
CA TYR D 139 -24.55 -36.77 -1.59
C TYR D 139 -24.53 -38.28 -1.41
N PRO D 140 -23.67 -38.80 -0.51
CA PRO D 140 -22.70 -38.11 0.34
C PRO D 140 -21.39 -37.64 -0.30
N LYS D 141 -20.54 -36.99 0.51
CA LYS D 141 -19.22 -36.47 0.11
C LYS D 141 -18.46 -37.38 -0.87
N ASP D 142 -18.07 -38.52 -0.33
CA ASP D 142 -17.32 -39.56 -1.00
C ASP D 142 -17.58 -39.68 -2.49
N ILE D 143 -16.59 -39.30 -3.28
CA ILE D 143 -16.68 -39.40 -4.71
C ILE D 143 -15.25 -39.51 -5.23
N ASN D 144 -15.09 -40.14 -6.38
CA ASN D 144 -13.78 -40.31 -6.97
C ASN D 144 -13.87 -40.04 -8.45
N VAL D 145 -12.97 -39.19 -8.95
CA VAL D 145 -12.94 -38.87 -10.36
C VAL D 145 -11.68 -39.39 -11.04
N LYS D 146 -11.86 -39.84 -12.27
CA LYS D 146 -10.76 -40.36 -13.09
C LYS D 146 -10.84 -39.71 -14.46
N TRP D 147 -9.68 -39.52 -15.07
CA TRP D 147 -9.62 -38.96 -16.41
C TRP D 147 -8.96 -39.98 -17.33
N LYS D 148 -9.70 -40.38 -18.34
CA LYS D 148 -9.20 -41.33 -19.33
C LYS D 148 -9.10 -40.65 -20.69
N ILE D 149 -7.89 -40.63 -21.23
CA ILE D 149 -7.60 -40.05 -22.53
C ILE D 149 -7.32 -41.22 -23.47
N ASP D 150 -8.17 -41.40 -24.49
CA ASP D 150 -8.00 -42.51 -25.41
C ASP D 150 -7.83 -43.82 -24.66
N GLY D 151 -8.60 -43.98 -23.57
CA GLY D 151 -8.54 -45.18 -22.78
C GLY D 151 -7.48 -45.18 -21.69
N SER D 152 -6.58 -44.21 -21.72
CA SER D 152 -5.51 -44.15 -20.72
C SER D 152 -5.83 -43.27 -19.52
N GLU D 153 -5.60 -43.79 -18.33
CA GLU D 153 -5.86 -43.03 -17.10
C GLU D 153 -4.80 -41.95 -16.94
N ARG D 154 -5.23 -40.75 -16.55
CA ARG D 154 -4.28 -39.66 -16.36
C ARG D 154 -4.33 -39.18 -14.92
N GLN D 155 -3.19 -39.28 -14.25
CA GLN D 155 -3.06 -38.85 -12.85
C GLN D 155 -2.66 -37.39 -12.77
N ASN D 156 -1.41 -37.11 -13.15
CA ASN D 156 -0.87 -35.75 -13.12
C ASN D 156 -1.69 -34.74 -13.89
N GLY D 157 -1.50 -33.48 -13.54
CA GLY D 157 -2.21 -32.42 -14.23
C GLY D 157 -3.70 -32.31 -13.98
N VAL D 158 -4.18 -32.92 -12.90
CA VAL D 158 -5.59 -32.83 -12.59
C VAL D 158 -5.82 -32.00 -11.33
N LEU D 159 -6.58 -30.94 -11.49
CA LEU D 159 -6.89 -30.04 -10.38
C LEU D 159 -8.34 -30.30 -9.95
N ASN D 160 -8.50 -30.73 -8.70
CA ASN D 160 -9.83 -31.00 -8.18
C ASN D 160 -10.22 -29.95 -7.16
N SER D 161 -11.51 -29.69 -7.08
CA SER D 161 -12.04 -28.69 -6.18
C SER D 161 -13.41 -29.17 -5.69
N TRP D 162 -13.67 -29.00 -4.39
CA TRP D 162 -14.93 -29.42 -3.81
C TRP D 162 -15.63 -28.30 -3.03
N THR D 163 -16.94 -28.18 -3.23
CA THR D 163 -17.68 -27.15 -2.52
C THR D 163 -18.09 -27.76 -1.18
N ASP D 164 -18.56 -26.91 -0.28
CA ASP D 164 -19.02 -27.38 1.01
C ASP D 164 -20.53 -27.57 0.86
N GLN D 165 -21.15 -28.22 1.84
CA GLN D 165 -22.58 -28.49 1.80
C GLN D 165 -23.41 -27.26 1.38
N ASP D 166 -24.24 -27.45 0.36
CA ASP D 166 -25.10 -26.40 -0.19
C ASP D 166 -26.25 -26.03 0.76
N SER D 167 -26.49 -24.73 0.92
CA SER D 167 -27.52 -24.25 1.83
C SER D 167 -28.92 -24.45 1.29
N LYS D 168 -29.00 -24.75 0.01
CA LYS D 168 -30.28 -24.92 -0.67
C LYS D 168 -30.77 -26.37 -0.62
N ASP D 169 -29.85 -27.33 -0.78
CA ASP D 169 -30.23 -28.74 -0.75
C ASP D 169 -29.28 -29.65 0.02
N SER D 170 -28.28 -29.07 0.65
CA SER D 170 -27.31 -29.82 1.45
C SER D 170 -26.50 -30.79 0.61
N THR D 171 -26.35 -30.52 -0.67
CA THR D 171 -25.56 -31.42 -1.51
C THR D 171 -24.15 -30.86 -1.66
N TYR D 172 -23.32 -31.67 -2.29
CA TYR D 172 -21.93 -31.33 -2.56
C TYR D 172 -21.75 -31.28 -4.07
N SER D 173 -20.72 -30.56 -4.50
CA SER D 173 -20.42 -30.46 -5.91
C SER D 173 -18.90 -30.54 -6.04
N MET D 174 -18.44 -31.00 -7.19
CA MET D 174 -17.02 -31.12 -7.40
C MET D 174 -16.68 -30.60 -8.78
N SER D 175 -15.48 -30.08 -8.91
CA SER D 175 -15.01 -29.56 -10.19
C SER D 175 -13.66 -30.21 -10.44
N SER D 176 -13.50 -30.78 -11.63
CA SER D 176 -12.24 -31.43 -11.98
C SER D 176 -11.76 -30.86 -13.32
N THR D 177 -10.58 -30.26 -13.31
CA THR D 177 -10.02 -29.67 -14.51
C THR D 177 -8.75 -30.40 -14.96
N LEU D 178 -8.84 -31.12 -16.08
CA LEU D 178 -7.68 -31.82 -16.61
C LEU D 178 -6.88 -30.80 -17.43
N THR D 179 -5.64 -30.55 -17.05
CA THR D 179 -4.85 -29.60 -17.83
C THR D 179 -3.74 -30.29 -18.63
N LEU D 180 -3.67 -29.92 -19.90
CA LEU D 180 -2.69 -30.46 -20.84
C LEU D 180 -2.16 -29.28 -21.65
N THR D 181 -1.34 -29.61 -22.64
CA THR D 181 -0.76 -28.64 -23.56
C THR D 181 -1.58 -28.82 -24.84
N LYS D 182 -1.84 -27.74 -25.57
CA LYS D 182 -2.62 -27.80 -26.81
C LYS D 182 -2.10 -28.95 -27.70
N ASP D 183 -0.78 -29.02 -27.80
CA ASP D 183 -0.13 -30.03 -28.62
C ASP D 183 -0.54 -31.43 -28.20
N GLU D 184 -0.38 -31.74 -26.92
CA GLU D 184 -0.73 -33.06 -26.43
C GLU D 184 -2.24 -33.26 -26.51
N TYR D 185 -2.99 -32.19 -26.26
CA TYR D 185 -4.43 -32.28 -26.32
C TYR D 185 -4.92 -32.68 -27.69
N GLU D 186 -4.22 -32.22 -28.72
CA GLU D 186 -4.62 -32.53 -30.09
C GLU D 186 -4.00 -33.78 -30.69
N ARG D 187 -3.30 -34.57 -29.87
CA ARG D 187 -2.69 -35.82 -30.33
C ARG D 187 -3.64 -36.95 -29.93
N HIS D 188 -4.63 -36.62 -29.14
CA HIS D 188 -5.59 -37.62 -28.68
C HIS D 188 -7.01 -37.22 -29.09
N ASN D 189 -7.93 -38.17 -29.05
CA ASN D 189 -9.29 -37.86 -29.50
C ASN D 189 -10.47 -38.13 -28.55
N SER D 190 -10.40 -39.16 -27.72
CA SER D 190 -11.51 -39.46 -26.81
C SER D 190 -11.18 -39.03 -25.38
N TYR D 191 -11.96 -38.09 -24.84
CA TYR D 191 -11.75 -37.60 -23.48
C TYR D 191 -12.92 -37.97 -22.59
N THR D 192 -12.63 -38.68 -21.51
CA THR D 192 -13.67 -39.12 -20.61
C THR D 192 -13.47 -38.70 -19.16
N CYS D 193 -14.58 -38.43 -18.49
CA CYS D 193 -14.56 -38.03 -17.10
C CYS D 193 -15.38 -39.08 -16.36
N GLU D 194 -14.69 -39.92 -15.58
CA GLU D 194 -15.32 -41.01 -14.85
C GLU D 194 -15.40 -40.80 -13.34
N ALA D 195 -16.61 -40.94 -12.78
CA ALA D 195 -16.81 -40.76 -11.35
C ALA D 195 -17.54 -41.94 -10.70
N THR D 196 -17.07 -42.38 -9.54
CA THR D 196 -17.74 -43.47 -8.81
C THR D 196 -18.32 -42.89 -7.52
N HIS D 197 -19.60 -43.19 -7.29
CA HIS D 197 -20.34 -42.70 -6.13
C HIS D 197 -21.33 -43.81 -5.73
N LYS D 198 -21.63 -43.93 -4.44
CA LYS D 198 -22.49 -45.03 -3.95
C LYS D 198 -23.87 -45.09 -4.67
N THR D 199 -24.26 -44.00 -5.33
CA THR D 199 -25.55 -44.00 -6.03
C THR D 199 -25.51 -44.77 -7.35
N SER D 200 -24.33 -45.27 -7.71
CA SER D 200 -24.21 -46.02 -8.95
C SER D 200 -23.26 -47.20 -8.80
N THR D 201 -23.66 -48.35 -9.34
CA THR D 201 -22.88 -49.57 -9.28
C THR D 201 -21.58 -49.45 -10.08
N SER D 202 -21.66 -48.74 -11.18
CA SER D 202 -20.50 -48.54 -12.03
C SER D 202 -20.25 -47.06 -12.20
N PRO D 203 -19.07 -46.71 -12.74
CA PRO D 203 -18.71 -45.31 -12.95
C PRO D 203 -19.75 -44.50 -13.72
N ILE D 204 -20.09 -43.32 -13.20
CA ILE D 204 -21.01 -42.43 -13.90
C ILE D 204 -20.04 -41.72 -14.85
N VAL D 205 -20.24 -41.85 -16.16
CA VAL D 205 -19.30 -41.20 -17.08
C VAL D 205 -19.87 -40.28 -18.15
N LYS D 206 -19.07 -39.30 -18.51
CA LYS D 206 -19.39 -38.33 -19.57
C LYS D 206 -18.12 -38.12 -20.39
N SER D 207 -18.27 -38.09 -21.71
CA SER D 207 -17.10 -37.91 -22.57
C SER D 207 -17.42 -37.21 -23.89
N PHE D 208 -16.38 -36.68 -24.51
CA PHE D 208 -16.55 -36.01 -25.79
C PHE D 208 -15.50 -36.54 -26.75
N ASN D 209 -15.76 -36.36 -28.03
CA ASN D 209 -14.85 -36.85 -29.04
C ASN D 209 -14.37 -35.63 -29.84
N ARG D 210 -13.11 -35.29 -29.66
CA ARG D 210 -12.55 -34.13 -30.35
C ARG D 210 -12.87 -34.19 -31.85
N ASN D 211 -13.51 -33.15 -32.35
CA ASN D 211 -13.87 -33.11 -33.77
C ASN D 211 -13.39 -31.82 -34.44
N GLU D 212 -13.58 -31.75 -35.76
CA GLU D 212 -13.15 -30.57 -36.53
C GLU D 212 -14.30 -29.84 -37.21
N CYS D 213 -14.42 -28.55 -36.91
CA CYS D 213 -15.45 -27.70 -37.50
C CYS D 213 -15.08 -26.22 -37.35
I IOD E . -4.23 32.79 17.79
I IOD F . -12.15 32.16 16.84
N PDD G . -7.75 36.40 6.34
N1 PDD G . -7.57 31.84 8.61
C2 PDD G . -6.55 32.74 8.43
C2A PDD G . -5.15 32.28 8.66
C3 PDD G . -6.90 34.08 8.04
O3A PDD G . -5.97 35.01 7.84
C4 PDD G . -8.30 34.42 7.84
C4A PDD G . -8.63 35.86 7.43
C5 PDD G . -9.31 33.39 8.06
C5A PDD G . -10.81 33.65 7.89
OP4 PDD G . -11.53 32.97 8.94
P PDD G . -13.08 32.61 8.69
OP1 PDD G . -13.18 32.16 7.28
OP2 PDD G . -13.87 33.94 8.92
OP3 PDD G . -13.51 31.64 9.76
C6 PDD G . -8.90 32.12 8.43
CA PDD G . -7.47 37.87 6.52
CB PDD G . -8.76 38.69 6.59
C PDD G . -6.56 38.36 5.36
O PDD G . -7.26 39.07 4.45
OXT PDD G . -5.28 38.07 5.27
I IOD H . -15.15 11.15 2.11
I IOD I . 5.13 0.60 13.74
I IOD J . -22.32 -1.78 24.99
I IOD K . -24.25 6.57 13.96
N PDD L . -14.12 -10.31 29.11
N1 PDD L . -13.62 -6.81 25.40
C2 PDD L . -14.53 -7.82 25.48
C2A PDD L . -15.36 -8.15 24.27
C3 PDD L . -14.65 -8.50 26.74
O3A PDD L . -15.52 -9.50 26.90
C4 PDD L . -13.81 -8.09 27.86
C4A PDD L . -13.96 -8.83 29.20
C5 PDD L . -12.87 -7.01 27.66
C5A PDD L . -11.93 -6.49 28.77
OP4 PDD L . -11.51 -5.13 28.50
P PDD L . -10.57 -4.37 29.56
OP1 PDD L . -9.32 -5.18 29.67
OP2 PDD L . -11.36 -4.34 30.91
OP3 PDD L . -10.44 -2.94 29.10
C6 PDD L . -12.80 -6.40 26.41
CA PDD L . -15.26 -10.79 29.98
CB PDD L . -15.10 -10.38 31.44
C PDD L . -15.38 -12.33 29.85
O PDD L . -14.45 -12.98 30.61
OXT PDD L . -16.27 -12.95 29.09
#